data_3SAD
#
_entry.id   3SAD
#
_cell.length_a   77.737
_cell.length_b   77.737
_cell.length_c   221.986
_cell.angle_alpha   90.00
_cell.angle_beta   90.00
_cell.angle_gamma   90.00
#
_symmetry.space_group_name_H-M   'P 43 21 2'
#
loop_
_entity.id
_entity.type
_entity.pdbx_description
1 polymer 'Malate synthase G'
2 non-polymer 'MAGNESIUM ION'
3 non-polymer '4-(2-methylphenyl)-2,4-dioxobutanoic acid'
4 water water
#
_entity_poly.entity_id   1
_entity_poly.type   'polypeptide(L)'
_entity_poly.pdbx_seq_one_letter_code
;MTDRVSVGNLRIARVLYDFVNNEALPGTDIDPDSFWAGVDKVVADLTPQNQALLNARDELQAQIDKWHRRRVIEPIDMDA
YRQFLTEIGYLLPEPDDFTITTSGVDAEITTTAGPQLVVPVLNARFALNAANARWGSLYDALYGTDVIPETDGAEKGPTY
NKVRGDKVIAYARKFLDDSVPLSSGSFGDATGFTVQDGQLVVALPDKSTGLANPGQFAGYTGAAESPTSVLLINHGLHIE
ILIDPESQVGTTDRAGVKDVILESAITTIMDFEDSVAAVDAADKVLGYRNWLGLNKGDLAAAVDKDGTAFLRVLNRDRNY
TAPGGGQFTLPGRSLMFVRNVGHLMTNDAIVDTDGSEVFEGIMDALFTGLIAIHGLKASDVNGPLINSRTGSIYIVKPKM
HGPAEVAFTCELFSRVEDVLGLPQNTMKIGIMDEERRTTVNLKACIKAAADRVVFINTGFLDRTGDEIHTSMEAGPMVRK
GTMKSQPWILAYEDHNVDAGLAAGFSGRAQVGKGMWTMTELMADMVETKIAQPRAGASTAWVPSPTAATLHALHYHQVDV
AAVQQGLAGKRRATIEQLLTIPLAKELAWAPDEIREEVDNNCQSILGYVVRWVDQGVGASKVPDIHDVALMEDRATLRIS
SQLLANWLRHGVITSADVRASLERMAPLVDRQNAGDVAYRPMAPNFDDSIAFLAAQELILSGAQQPNGYTEPILHRRRRE
FKARAAEKPAPSDRAGDDAAR
;
_entity_poly.pdbx_strand_id   A
#
loop_
_chem_comp.id
_chem_comp.type
_chem_comp.name
_chem_comp.formula
040 non-polymer '4-(2-methylphenyl)-2,4-dioxobutanoic acid' 'C11 H10 O4'
MG non-polymer 'MAGNESIUM ION' 'Mg 2'
#
# COMPACT_ATOMS: atom_id res chain seq x y z
N THR A 2 5.89 13.44 -36.61
CA THR A 2 5.92 13.06 -35.20
C THR A 2 5.88 11.55 -35.01
N ASP A 3 6.14 11.13 -33.78
CA ASP A 3 6.11 9.71 -33.43
C ASP A 3 4.82 9.41 -32.67
N ARG A 4 3.69 9.84 -33.22
CA ARG A 4 2.41 9.59 -32.58
C ARG A 4 1.42 8.97 -33.54
N VAL A 5 0.39 8.36 -32.98
CA VAL A 5 -0.65 7.68 -33.74
C VAL A 5 -1.97 8.39 -33.54
N SER A 6 -2.64 8.75 -34.64
CA SER A 6 -3.90 9.47 -34.55
C SER A 6 -5.12 8.56 -34.41
N VAL A 7 -5.87 8.80 -33.34
CA VAL A 7 -7.14 8.12 -33.15
C VAL A 7 -8.13 9.18 -32.69
N GLY A 8 -9.05 9.55 -33.58
CA GLY A 8 -9.97 10.64 -33.31
C GLY A 8 -9.24 11.93 -32.99
N ASN A 9 -9.49 12.45 -31.80
CA ASN A 9 -8.91 13.71 -31.35
C ASN A 9 -7.58 13.50 -30.62
N LEU A 10 -7.16 12.24 -30.49
CA LEU A 10 -5.99 11.89 -29.70
C LEU A 10 -4.76 11.59 -30.56
N ARG A 11 -3.60 11.87 -30.00
CA ARG A 11 -2.32 11.61 -30.64
C ARG A 11 -1.49 10.79 -29.66
N ILE A 12 -1.49 9.48 -29.85
CA ILE A 12 -0.93 8.52 -28.91
C ILE A 12 0.55 8.27 -29.21
N ALA A 13 1.41 8.36 -28.20
CA ALA A 13 2.84 8.05 -28.38
C ALA A 13 2.99 6.67 -29.00
N ARG A 14 3.89 6.55 -29.97
CA ARG A 14 4.05 5.30 -30.71
C ARG A 14 4.34 4.09 -29.81
N VAL A 15 5.24 4.28 -28.85
CA VAL A 15 5.60 3.17 -27.97
C VAL A 15 4.39 2.62 -27.22
N LEU A 16 3.47 3.50 -26.82
CA LEU A 16 2.25 3.08 -26.12
C LEU A 16 1.27 2.41 -27.06
N TYR A 17 1.10 2.98 -28.24
CA TYR A 17 0.22 2.39 -29.23
C TYR A 17 0.61 0.94 -29.56
N ASP A 18 1.88 0.77 -29.93
CA ASP A 18 2.42 -0.55 -30.24
C ASP A 18 2.28 -1.53 -29.08
N PHE A 19 2.65 -1.09 -27.89
CA PHE A 19 2.54 -1.98 -26.75
C PHE A 19 1.11 -2.48 -26.59
N VAL A 20 0.14 -1.57 -26.65
CA VAL A 20 -1.25 -1.97 -26.50
C VAL A 20 -1.68 -2.97 -27.59
N ASN A 21 -1.36 -2.65 -28.84
CA ASN A 21 -1.74 -3.49 -29.96
C ASN A 21 -1.06 -4.84 -30.01
N ASN A 22 0.25 -4.82 -29.87
CA ASN A 22 1.07 -6.00 -30.07
C ASN A 22 1.19 -6.87 -28.83
N GLU A 23 1.00 -6.27 -27.66
CA GLU A 23 1.22 -7.02 -26.42
C GLU A 23 -0.04 -7.18 -25.55
N ALA A 24 -0.80 -6.10 -25.39
CA ALA A 24 -1.95 -6.12 -24.47
C ALA A 24 -3.26 -6.62 -25.06
N LEU A 25 -3.57 -6.21 -26.29
CA LEU A 25 -4.85 -6.58 -26.90
C LEU A 25 -4.99 -8.05 -27.30
N PRO A 26 -3.94 -8.63 -27.90
CA PRO A 26 -4.09 -10.03 -28.33
C PRO A 26 -4.50 -10.94 -27.17
N GLY A 27 -5.58 -11.69 -27.35
CA GLY A 27 -6.01 -12.64 -26.36
C GLY A 27 -7.16 -12.16 -25.50
N THR A 28 -7.56 -10.91 -25.70
CA THR A 28 -8.68 -10.33 -24.97
C THR A 28 -9.98 -10.52 -25.73
N ASP A 29 -9.86 -10.80 -27.03
CA ASP A 29 -11.02 -10.93 -27.91
C ASP A 29 -11.73 -9.60 -28.09
N ILE A 30 -10.98 -8.51 -27.90
CA ILE A 30 -11.49 -7.17 -28.14
C ILE A 30 -10.98 -6.64 -29.47
N ASP A 31 -11.91 -6.23 -30.32
CA ASP A 31 -11.57 -5.60 -31.59
C ASP A 31 -10.80 -4.33 -31.33
N PRO A 32 -9.55 -4.27 -31.80
CA PRO A 32 -8.59 -3.17 -31.63
C PRO A 32 -9.12 -1.79 -32.05
N ASP A 33 -9.73 -1.71 -33.23
CA ASP A 33 -10.30 -0.45 -33.69
C ASP A 33 -11.36 0.02 -32.69
N SER A 34 -12.13 -0.93 -32.18
CA SER A 34 -13.15 -0.64 -31.17
C SER A 34 -12.50 -0.15 -29.88
N PHE A 35 -11.38 -0.77 -29.51
CA PHE A 35 -10.69 -0.35 -28.31
C PHE A 35 -10.27 1.13 -28.41
N TRP A 36 -9.58 1.46 -29.50
CA TRP A 36 -9.04 2.80 -29.66
C TRP A 36 -10.12 3.84 -29.83
N ALA A 37 -11.19 3.48 -30.54
CA ALA A 37 -12.31 4.39 -30.68
C ALA A 37 -12.88 4.69 -29.30
N GLY A 38 -12.94 3.65 -28.47
CA GLY A 38 -13.47 3.77 -27.12
C GLY A 38 -12.58 4.65 -26.25
N VAL A 39 -11.27 4.51 -26.42
CA VAL A 39 -10.33 5.38 -25.74
C VAL A 39 -10.65 6.85 -26.05
N ASP A 40 -10.70 7.19 -27.33
CA ASP A 40 -10.96 8.56 -27.76
C ASP A 40 -12.31 9.04 -27.22
N LYS A 41 -13.32 8.18 -27.31
CA LYS A 41 -14.66 8.58 -26.88
C LYS A 41 -14.70 8.85 -25.38
N VAL A 42 -14.21 7.88 -24.59
CA VAL A 42 -14.17 8.03 -23.14
C VAL A 42 -13.41 9.29 -22.71
N VAL A 43 -12.24 9.51 -23.30
CA VAL A 43 -11.44 10.70 -23.00
C VAL A 43 -12.23 11.96 -23.33
N ALA A 44 -12.85 11.98 -24.52
CA ALA A 44 -13.64 13.13 -24.93
C ALA A 44 -14.79 13.43 -23.96
N ASP A 45 -15.50 12.37 -23.56
CA ASP A 45 -16.72 12.50 -22.78
C ASP A 45 -16.49 12.84 -21.30
N LEU A 46 -15.38 12.36 -20.75
CA LEU A 46 -15.19 12.45 -19.29
C LEU A 46 -14.21 13.53 -18.85
N THR A 47 -13.44 14.04 -19.79
CA THR A 47 -12.43 15.03 -19.47
C THR A 47 -13.02 16.31 -18.85
N PRO A 48 -14.17 16.78 -19.39
CA PRO A 48 -14.75 18.01 -18.82
C PRO A 48 -15.07 17.87 -17.33
N GLN A 49 -15.66 16.74 -16.94
CA GLN A 49 -16.00 16.55 -15.53
CA GLN A 49 -16.00 16.48 -15.54
C GLN A 49 -14.73 16.39 -14.69
N ASN A 50 -13.73 15.70 -15.22
CA ASN A 50 -12.45 15.56 -14.55
C ASN A 50 -11.91 16.94 -14.24
N GLN A 51 -11.94 17.83 -15.23
CA GLN A 51 -11.44 19.19 -15.04
C GLN A 51 -12.26 19.96 -14.00
N ALA A 52 -13.58 19.84 -14.11
CA ALA A 52 -14.49 20.53 -13.20
C ALA A 52 -14.25 20.12 -11.75
N LEU A 53 -14.00 18.83 -11.52
CA LEU A 53 -13.74 18.34 -10.18
C LEU A 53 -12.45 18.94 -9.63
N LEU A 54 -11.42 19.00 -10.46
CA LEU A 54 -10.15 19.60 -10.03
C LEU A 54 -10.33 21.08 -9.71
N ASN A 55 -11.13 21.77 -10.53
CA ASN A 55 -11.38 23.19 -10.30
C ASN A 55 -12.14 23.39 -8.99
N ALA A 56 -13.00 22.44 -8.65
CA ALA A 56 -13.77 22.53 -7.42
C ALA A 56 -12.85 22.43 -6.20
N ARG A 57 -11.83 21.58 -6.27
CA ARG A 57 -10.87 21.47 -5.17
C ARG A 57 -10.21 22.82 -4.95
N ASP A 58 -9.82 23.47 -6.03
CA ASP A 58 -9.10 24.75 -5.91
C ASP A 58 -9.98 25.82 -5.31
N GLU A 59 -11.24 25.82 -5.73
CA GLU A 59 -12.21 26.78 -5.27
C GLU A 59 -12.48 26.60 -3.78
N LEU A 60 -12.66 25.35 -3.35
CA LEU A 60 -12.87 25.10 -1.93
C LEU A 60 -11.65 25.49 -1.10
N GLN A 61 -10.44 25.19 -1.59
CA GLN A 61 -9.25 25.53 -0.82
C GLN A 61 -9.09 27.05 -0.70
N ALA A 62 -9.42 27.77 -1.77
CA ALA A 62 -9.34 29.22 -1.77
C ALA A 62 -10.22 29.81 -0.66
N GLN A 63 -11.44 29.28 -0.53
CA GLN A 63 -12.38 29.78 0.45
C GLN A 63 -11.90 29.48 1.86
N ILE A 64 -11.41 28.27 2.07
CA ILE A 64 -10.84 27.90 3.36
C ILE A 64 -9.62 28.75 3.73
N ASP A 65 -8.68 28.89 2.78
CA ASP A 65 -7.54 29.79 2.98
C ASP A 65 -8.02 31.17 3.42
N LYS A 66 -9.00 31.71 2.70
CA LYS A 66 -9.55 33.02 3.02
C LYS A 66 -10.26 33.07 4.37
N TRP A 67 -10.91 31.98 4.73
CA TRP A 67 -11.56 31.87 6.04
C TRP A 67 -10.54 32.07 7.17
N HIS A 68 -9.45 31.32 7.14
CA HIS A 68 -8.45 31.45 8.20
C HIS A 68 -7.81 32.85 8.20
N ARG A 69 -7.56 33.36 7.01
CA ARG A 69 -6.90 34.66 6.88
C ARG A 69 -7.69 35.82 7.49
N ARG A 70 -9.01 35.72 7.46
CA ARG A 70 -9.83 36.83 7.94
C ARG A 70 -10.18 36.70 9.42
N ARG A 71 -9.70 35.64 10.07
CA ARG A 71 -9.96 35.52 11.52
C ARG A 71 -8.72 35.54 12.40
N VAL A 72 -8.91 36.04 13.62
CA VAL A 72 -7.85 36.13 14.63
C VAL A 72 -8.14 35.18 15.79
N ILE A 76 -10.93 29.37 18.26
CA ILE A 76 -11.11 28.50 17.11
C ILE A 76 -12.50 27.86 17.13
N ASP A 77 -13.49 28.62 16.64
CA ASP A 77 -14.90 28.27 16.79
C ASP A 77 -15.32 27.10 15.92
N MET A 78 -15.34 25.91 16.50
CA MET A 78 -15.71 24.72 15.75
C MET A 78 -17.10 24.88 15.17
N ASP A 79 -18.02 25.47 15.94
CA ASP A 79 -19.38 25.66 15.46
C ASP A 79 -19.40 26.47 14.16
N ALA A 80 -18.72 27.60 14.17
CA ALA A 80 -18.69 28.51 13.02
C ALA A 80 -17.98 27.89 11.82
N TYR A 81 -16.87 27.22 12.09
CA TYR A 81 -16.10 26.52 11.07
C TYR A 81 -16.93 25.43 10.39
N ARG A 82 -17.62 24.65 11.20
CA ARG A 82 -18.42 23.55 10.68
C ARG A 82 -19.54 24.07 9.78
N GLN A 83 -20.17 25.17 10.19
CA GLN A 83 -21.23 25.75 9.39
CA GLN A 83 -21.22 25.76 9.38
C GLN A 83 -20.67 26.27 8.06
N PHE A 84 -19.46 26.83 8.10
CA PHE A 84 -18.82 27.36 6.90
C PHE A 84 -18.55 26.24 5.91
N LEU A 85 -17.94 25.17 6.38
CA LEU A 85 -17.69 24.01 5.51
C LEU A 85 -19.00 23.47 4.93
N THR A 86 -20.08 23.59 5.70
CA THR A 86 -21.36 23.15 5.18
C THR A 86 -21.83 24.11 4.09
N GLU A 87 -21.76 25.41 4.36
CA GLU A 87 -22.20 26.41 3.39
CA GLU A 87 -22.20 26.42 3.39
C GLU A 87 -21.50 26.29 2.04
N ILE A 88 -20.20 26.01 2.06
CA ILE A 88 -19.44 25.97 0.81
C ILE A 88 -19.51 24.63 0.09
N GLY A 89 -20.12 23.62 0.71
CA GLY A 89 -20.31 22.34 0.07
C GLY A 89 -19.18 21.35 0.30
N TYR A 90 -18.34 21.64 1.30
CA TYR A 90 -17.21 20.80 1.66
C TYR A 90 -17.70 19.63 2.51
N LEU A 91 -18.51 19.97 3.50
CA LEU A 91 -19.17 18.99 4.35
C LEU A 91 -20.58 18.78 3.80
N LEU A 92 -20.86 17.58 3.29
CA LEU A 92 -22.16 17.28 2.68
C LEU A 92 -23.05 16.47 3.63
N PRO A 93 -24.36 16.46 3.36
CA PRO A 93 -25.31 15.68 4.16
C PRO A 93 -24.95 14.21 4.20
N GLU A 94 -25.12 13.58 5.35
CA GLU A 94 -24.85 12.15 5.50
C GLU A 94 -26.07 11.35 5.02
N PRO A 95 -25.87 10.36 4.13
CA PRO A 95 -27.02 9.61 3.63
C PRO A 95 -27.56 8.68 4.69
N ASP A 96 -28.76 8.13 4.46
CA ASP A 96 -29.31 7.18 5.41
C ASP A 96 -28.50 5.89 5.41
N ASP A 97 -28.65 5.09 6.47
CA ASP A 97 -27.96 3.81 6.55
C ASP A 97 -28.21 2.96 5.29
N PHE A 98 -27.19 2.24 4.87
CA PHE A 98 -27.29 1.35 3.72
C PHE A 98 -26.28 0.23 3.90
N THR A 99 -26.34 -0.75 2.99
CA THR A 99 -25.42 -1.87 3.01
C THR A 99 -24.86 -2.01 1.60
N ILE A 100 -23.55 -2.21 1.46
CA ILE A 100 -22.98 -2.36 0.13
C ILE A 100 -23.51 -3.63 -0.51
N THR A 101 -23.55 -3.65 -1.85
CA THR A 101 -24.08 -4.79 -2.59
C THR A 101 -23.03 -5.41 -3.52
N THR A 102 -21.77 -5.05 -3.33
CA THR A 102 -20.67 -5.54 -4.17
C THR A 102 -20.65 -7.07 -4.25
N SER A 103 -20.58 -7.61 -5.46
CA SER A 103 -20.55 -9.07 -5.67
C SER A 103 -19.46 -9.52 -6.66
N GLY A 104 -19.25 -10.83 -6.79
CA GLY A 104 -18.23 -11.34 -7.68
C GLY A 104 -16.81 -11.14 -7.14
N VAL A 105 -16.69 -11.08 -5.82
CA VAL A 105 -15.40 -10.79 -5.17
C VAL A 105 -14.81 -12.06 -4.54
N ASP A 106 -13.50 -12.17 -4.61
CA ASP A 106 -12.79 -13.34 -4.09
C ASP A 106 -12.73 -13.38 -2.58
N ALA A 107 -12.52 -14.58 -2.03
CA ALA A 107 -12.55 -14.78 -0.59
C ALA A 107 -11.41 -14.05 0.13
N GLU A 108 -10.29 -13.86 -0.56
CA GLU A 108 -9.13 -13.16 0.00
C GLU A 108 -9.53 -11.76 0.44
N ILE A 109 -10.56 -11.24 -0.21
CA ILE A 109 -11.05 -9.91 0.04
C ILE A 109 -12.29 -9.88 0.95
N THR A 110 -13.27 -10.73 0.67
CA THR A 110 -14.50 -10.66 1.43
C THR A 110 -14.34 -11.26 2.82
N THR A 111 -13.47 -12.26 2.93
CA THR A 111 -13.49 -13.09 4.12
C THR A 111 -12.20 -13.12 4.91
N THR A 112 -11.08 -13.26 4.21
CA THR A 112 -9.80 -13.50 4.87
C THR A 112 -9.21 -12.22 5.42
N ALA A 113 -8.84 -12.24 6.70
CA ALA A 113 -8.11 -11.11 7.27
C ALA A 113 -6.61 -11.42 7.25
N GLY A 114 -5.81 -10.48 6.75
CA GLY A 114 -4.37 -10.67 6.74
C GLY A 114 -3.66 -9.54 6.04
N PRO A 115 -2.33 -9.60 6.01
CA PRO A 115 -1.45 -8.57 5.44
C PRO A 115 -1.72 -8.28 3.97
N GLN A 116 -1.53 -7.02 3.60
CA GLN A 116 -1.65 -6.56 2.23
C GLN A 116 -0.34 -5.84 1.85
N LEU A 117 0.30 -6.34 0.80
CA LEU A 117 1.63 -5.86 0.42
C LEU A 117 1.49 -4.89 -0.73
N VAL A 118 2.24 -3.79 -0.70
CA VAL A 118 2.25 -2.81 -1.80
C VAL A 118 3.67 -2.73 -2.39
N VAL A 119 3.78 -2.79 -3.72
CA VAL A 119 5.08 -2.82 -4.39
C VAL A 119 5.01 -2.03 -5.71
N PRO A 120 6.11 -1.33 -6.08
CA PRO A 120 6.16 -0.59 -7.35
C PRO A 120 6.14 -1.50 -8.56
N VAL A 121 5.14 -1.31 -9.42
CA VAL A 121 4.97 -2.19 -10.57
C VAL A 121 6.10 -2.04 -11.60
N LEU A 122 6.85 -0.93 -11.55
CA LEU A 122 7.92 -0.73 -12.52
C LEU A 122 9.17 -1.57 -12.19
N ASN A 123 9.19 -2.17 -11.00
CA ASN A 123 10.29 -3.05 -10.61
C ASN A 123 9.86 -4.51 -10.70
N ALA A 124 10.24 -5.18 -11.79
CA ALA A 124 9.75 -6.53 -12.05
C ALA A 124 10.17 -7.51 -10.97
N ARG A 125 11.40 -7.37 -10.49
CA ARG A 125 11.90 -8.26 -9.45
C ARG A 125 11.07 -8.13 -8.18
N PHE A 126 10.85 -6.90 -7.72
CA PHE A 126 10.01 -6.67 -6.55
C PHE A 126 8.57 -7.14 -6.76
N ALA A 127 8.01 -6.85 -7.94
CA ALA A 127 6.64 -7.25 -8.25
C ALA A 127 6.49 -8.76 -8.21
N LEU A 128 7.46 -9.45 -8.80
CA LEU A 128 7.49 -10.92 -8.77
C LEU A 128 7.57 -11.46 -7.34
N ASN A 129 8.57 -11.01 -6.57
CA ASN A 129 8.67 -11.45 -5.18
C ASN A 129 7.39 -11.19 -4.40
N ALA A 130 6.72 -10.08 -4.71
CA ALA A 130 5.53 -9.70 -3.99
C ALA A 130 4.37 -10.64 -4.31
N ALA A 131 4.18 -10.93 -5.59
CA ALA A 131 3.16 -11.90 -5.98
C ALA A 131 3.42 -13.24 -5.32
N ASN A 132 4.69 -13.60 -5.18
CA ASN A 132 5.05 -14.88 -4.58
C ASN A 132 4.99 -14.89 -3.06
N ALA A 133 4.76 -13.72 -2.48
CA ALA A 133 4.83 -13.60 -1.03
C ALA A 133 3.56 -14.07 -0.30
N ARG A 134 2.63 -14.71 -1.02
CA ARG A 134 1.49 -15.39 -0.40
C ARG A 134 1.94 -16.39 0.68
N TRP A 135 3.11 -16.99 0.46
CA TRP A 135 3.71 -17.87 1.45
C TRP A 135 5.12 -17.39 1.74
N GLY A 136 5.49 -17.40 3.01
CA GLY A 136 6.83 -16.98 3.42
C GLY A 136 7.33 -17.72 4.64
N SER A 137 8.65 -17.85 4.71
CA SER A 137 9.34 -18.54 5.79
C SER A 137 9.35 -17.73 7.08
N LEU A 138 8.80 -18.29 8.15
CA LEU A 138 8.88 -17.58 9.42
C LEU A 138 10.31 -17.63 9.96
N TYR A 139 11.00 -18.74 9.75
CA TYR A 139 12.37 -18.83 10.23
C TYR A 139 13.23 -17.75 9.58
N ASP A 140 13.10 -17.58 8.26
CA ASP A 140 13.93 -16.57 7.60
CA ASP A 140 13.90 -16.56 7.57
C ASP A 140 13.58 -15.18 8.11
N ALA A 141 12.28 -14.94 8.35
CA ALA A 141 11.83 -13.63 8.80
C ALA A 141 12.30 -13.31 10.22
N LEU A 142 12.39 -14.33 11.06
CA LEU A 142 12.89 -14.14 12.43
C LEU A 142 14.41 -14.07 12.48
N TYR A 143 15.07 -15.00 11.80
CA TYR A 143 16.52 -15.07 11.82
C TYR A 143 17.13 -13.83 11.17
N GLY A 144 16.53 -13.38 10.07
CA GLY A 144 17.13 -12.31 9.28
C GLY A 144 16.83 -10.89 9.73
N THR A 145 15.99 -10.73 10.75
CA THR A 145 15.59 -9.39 11.22
C THR A 145 15.85 -9.25 12.70
N ASP A 146 15.52 -8.08 13.25
CA ASP A 146 15.80 -7.80 14.65
C ASP A 146 14.71 -8.30 15.59
N VAL A 147 13.77 -9.09 15.07
CA VAL A 147 12.73 -9.64 15.94
C VAL A 147 13.41 -10.54 16.99
N ILE A 148 14.43 -11.26 16.56
CA ILE A 148 15.33 -11.91 17.51
C ILE A 148 16.51 -10.96 17.71
N PRO A 149 16.65 -10.40 18.93
CA PRO A 149 17.70 -9.42 19.17
C PRO A 149 19.09 -10.00 18.88
N GLU A 150 19.99 -9.18 18.36
CA GLU A 150 21.35 -9.61 18.10
C GLU A 150 22.24 -9.46 19.33
N THR A 151 21.74 -9.97 20.44
CA THR A 151 22.49 -9.97 21.69
CA THR A 151 22.49 -9.95 21.69
C THR A 151 23.70 -10.87 21.58
N ASP A 152 24.58 -10.79 22.57
CA ASP A 152 25.80 -11.59 22.56
C ASP A 152 25.47 -13.08 22.34
N GLY A 153 26.27 -13.71 21.48
CA GLY A 153 26.05 -15.11 21.15
C GLY A 153 24.95 -15.33 20.13
N ALA A 154 24.05 -14.36 19.99
CA ALA A 154 22.93 -14.49 19.05
C ALA A 154 23.08 -13.58 17.83
N GLU A 155 24.27 -13.00 17.63
CA GLU A 155 24.47 -12.08 16.52
C GLU A 155 24.53 -12.81 15.18
N LYS A 156 24.13 -12.12 14.12
CA LYS A 156 24.24 -12.65 12.78
C LYS A 156 25.70 -12.62 12.31
N GLY A 157 26.14 -13.70 11.70
CA GLY A 157 27.49 -13.79 11.19
C GLY A 157 27.45 -14.26 9.75
N PRO A 158 28.61 -14.54 9.16
CA PRO A 158 28.61 -15.02 7.77
C PRO A 158 27.95 -16.40 7.65
N THR A 159 27.91 -17.15 8.74
CA THR A 159 27.31 -18.48 8.69
C THR A 159 26.33 -18.73 9.84
N TYR A 160 25.68 -19.88 9.83
CA TYR A 160 24.59 -20.16 10.76
C TYR A 160 25.02 -20.11 12.23
N ASN A 161 24.33 -19.28 13.00
CA ASN A 161 24.55 -19.19 14.44
C ASN A 161 23.48 -19.98 15.19
N LYS A 162 23.87 -21.10 15.78
CA LYS A 162 22.92 -21.98 16.45
C LYS A 162 22.26 -21.31 17.67
N VAL A 163 22.96 -20.43 18.35
CA VAL A 163 22.35 -19.74 19.48
C VAL A 163 21.18 -18.93 18.94
N ARG A 164 21.38 -18.26 17.82
CA ARG A 164 20.35 -17.45 17.19
C ARG A 164 19.22 -18.33 16.67
N GLY A 165 19.62 -19.38 15.94
CA GLY A 165 18.68 -20.32 15.35
C GLY A 165 17.79 -20.99 16.39
N ASP A 166 18.38 -21.35 17.52
CA ASP A 166 17.61 -21.94 18.60
C ASP A 166 16.54 -20.99 19.14
N LYS A 167 16.85 -19.68 19.15
CA LYS A 167 15.88 -18.69 19.59
C LYS A 167 14.76 -18.51 18.57
N VAL A 168 15.10 -18.69 17.30
CA VAL A 168 14.10 -18.68 16.23
C VAL A 168 13.12 -19.83 16.43
N ILE A 169 13.66 -21.03 16.61
CA ILE A 169 12.85 -22.22 16.81
C ILE A 169 11.89 -22.03 17.98
N ALA A 170 12.42 -21.56 19.11
CA ALA A 170 11.62 -21.37 20.32
C ALA A 170 10.54 -20.31 20.13
N TYR A 171 10.87 -19.23 19.43
CA TYR A 171 9.88 -18.21 19.12
C TYR A 171 8.70 -18.80 18.35
N ALA A 172 9.01 -19.62 17.34
CA ALA A 172 7.97 -20.22 16.52
C ALA A 172 7.23 -21.31 17.27
N ARG A 173 7.91 -21.99 18.17
CA ARG A 173 7.25 -23.00 18.98
C ARG A 173 6.18 -22.32 19.83
N LYS A 174 6.52 -21.16 20.39
CA LYS A 174 5.58 -20.38 21.19
C LYS A 174 4.41 -19.86 20.35
N PHE A 175 4.70 -19.44 19.12
CA PHE A 175 3.66 -19.06 18.19
C PHE A 175 2.66 -20.18 17.90
N LEU A 176 3.14 -21.41 17.73
CA LEU A 176 2.24 -22.54 17.50
C LEU A 176 1.39 -22.81 18.73
N ASP A 177 2.02 -22.79 19.91
CA ASP A 177 1.27 -23.03 21.13
C ASP A 177 0.12 -22.03 21.25
N ASP A 178 0.42 -20.77 20.95
CA ASP A 178 -0.57 -19.70 21.05
C ASP A 178 -1.68 -19.79 19.99
N SER A 179 -1.37 -20.32 18.82
CA SER A 179 -2.26 -20.24 17.66
C SER A 179 -3.09 -21.50 17.42
N VAL A 180 -2.46 -22.65 17.59
CA VAL A 180 -3.10 -23.93 17.36
C VAL A 180 -2.70 -24.83 18.54
N PRO A 181 -3.19 -24.47 19.75
CA PRO A 181 -2.73 -25.13 20.97
C PRO A 181 -3.07 -26.63 21.01
N LEU A 182 -2.20 -27.39 21.68
CA LEU A 182 -2.41 -28.82 21.85
C LEU A 182 -3.40 -29.06 22.99
N SER A 183 -4.09 -30.20 22.97
CA SER A 183 -4.99 -30.54 24.06
C SER A 183 -4.25 -30.56 25.38
N SER A 184 -3.02 -31.07 25.33
CA SER A 184 -2.14 -31.03 26.48
C SER A 184 -0.70 -30.88 26.02
N GLY A 185 0.11 -30.22 26.85
CA GLY A 185 1.50 -30.00 26.51
C GLY A 185 1.74 -28.89 25.51
N SER A 186 2.98 -28.86 25.01
CA SER A 186 3.48 -27.76 24.21
C SER A 186 4.22 -28.26 22.97
N PHE A 187 4.09 -27.56 21.86
CA PHE A 187 4.86 -27.90 20.66
C PHE A 187 6.36 -27.90 20.93
N GLY A 188 6.79 -27.14 21.92
CA GLY A 188 8.20 -27.09 22.27
C GLY A 188 8.75 -28.46 22.62
N ASP A 189 7.88 -29.33 23.09
CA ASP A 189 8.30 -30.68 23.50
C ASP A 189 8.03 -31.77 22.46
N ALA A 190 7.52 -31.38 21.30
CA ALA A 190 7.17 -32.33 20.24
C ALA A 190 8.36 -33.17 19.78
N THR A 191 8.12 -34.43 19.46
CA THR A 191 9.19 -35.26 18.93
C THR A 191 8.84 -35.80 17.55
N GLY A 192 7.59 -35.56 17.14
CA GLY A 192 7.16 -35.99 15.84
C GLY A 192 5.68 -35.74 15.60
N PHE A 193 5.29 -35.80 14.34
CA PHE A 193 3.92 -35.56 13.92
C PHE A 193 3.46 -36.71 13.02
N THR A 194 2.23 -37.16 13.22
CA THR A 194 1.64 -38.15 12.33
C THR A 194 0.16 -37.88 12.13
N VAL A 195 -0.41 -38.48 11.10
CA VAL A 195 -1.82 -38.36 10.81
C VAL A 195 -2.48 -39.74 10.93
N GLN A 196 -3.43 -39.86 11.85
CA GLN A 196 -4.00 -41.15 12.20
C GLN A 196 -5.52 -41.01 12.25
N ASP A 197 -6.21 -41.75 11.39
CA ASP A 197 -7.66 -41.64 11.30
C ASP A 197 -8.07 -40.20 11.00
N GLY A 198 -7.29 -39.54 10.15
CA GLY A 198 -7.59 -38.18 9.73
C GLY A 198 -7.38 -37.14 10.82
N GLN A 199 -6.70 -37.53 11.89
CA GLN A 199 -6.42 -36.63 13.00
C GLN A 199 -4.92 -36.41 13.17
N LEU A 200 -4.52 -35.17 13.41
CA LEU A 200 -3.14 -34.86 13.71
C LEU A 200 -2.80 -35.38 15.09
N VAL A 201 -1.75 -36.18 15.17
CA VAL A 201 -1.23 -36.68 16.43
C VAL A 201 0.18 -36.16 16.66
N VAL A 202 0.39 -35.49 17.77
CA VAL A 202 1.69 -34.91 18.11
C VAL A 202 2.30 -35.74 19.24
N ALA A 203 3.42 -36.39 18.93
CA ALA A 203 4.13 -37.16 19.92
C ALA A 203 4.86 -36.24 20.90
N LEU A 204 4.68 -36.50 22.19
CA LEU A 204 5.40 -35.80 23.24
C LEU A 204 6.33 -36.84 23.89
N PRO A 205 7.18 -36.40 24.83
CA PRO A 205 8.17 -37.30 25.43
C PRO A 205 7.56 -38.55 26.07
N ASP A 206 6.47 -38.40 26.81
CA ASP A 206 5.90 -39.51 27.55
C ASP A 206 4.43 -39.74 27.23
N LYS A 207 3.97 -39.13 26.15
CA LYS A 207 2.60 -39.32 25.71
C LYS A 207 2.43 -38.72 24.32
N SER A 208 1.25 -38.92 23.73
CA SER A 208 0.92 -38.23 22.49
C SER A 208 -0.36 -37.44 22.70
N THR A 209 -0.59 -36.46 21.85
CA THR A 209 -1.75 -35.58 22.00
C THR A 209 -2.27 -35.08 20.66
N GLY A 210 -3.52 -34.65 20.65
CA GLY A 210 -4.07 -34.01 19.47
C GLY A 210 -4.17 -32.52 19.70
N LEU A 211 -4.83 -31.84 18.76
CA LEU A 211 -5.14 -30.42 18.89
C LEU A 211 -6.35 -30.21 19.77
N ALA A 212 -6.31 -29.16 20.58
CA ALA A 212 -7.47 -28.76 21.36
C ALA A 212 -8.67 -28.57 20.45
N ASN A 213 -8.42 -28.03 19.25
CA ASN A 213 -9.46 -27.93 18.23
CA ASN A 213 -9.45 -27.91 18.22
C ASN A 213 -9.02 -28.63 16.95
N PRO A 214 -9.40 -29.91 16.83
CA PRO A 214 -8.97 -30.75 15.72
C PRO A 214 -9.28 -30.15 14.36
N GLY A 215 -10.27 -29.27 14.33
CA GLY A 215 -10.64 -28.60 13.09
C GLY A 215 -9.58 -27.67 12.53
N GLN A 216 -8.58 -27.36 13.34
CA GLN A 216 -7.46 -26.52 12.88
C GLN A 216 -6.47 -27.30 12.03
N PHE A 217 -6.63 -28.62 11.97
CA PHE A 217 -5.82 -29.47 11.12
C PHE A 217 -6.37 -29.42 9.71
N ALA A 218 -5.58 -28.90 8.79
CA ALA A 218 -6.06 -28.60 7.44
C ALA A 218 -5.52 -29.54 6.38
N GLY A 219 -4.43 -30.24 6.69
CA GLY A 219 -3.84 -31.14 5.71
C GLY A 219 -2.39 -31.50 5.97
N TYR A 220 -1.80 -32.25 5.03
CA TYR A 220 -0.40 -32.65 5.13
C TYR A 220 0.23 -32.97 3.77
N THR A 221 1.55 -33.14 3.76
CA THR A 221 2.22 -33.68 2.58
C THR A 221 3.05 -34.90 2.98
N GLY A 222 3.35 -35.75 2.00
CA GLY A 222 4.07 -36.98 2.26
C GLY A 222 3.20 -38.02 2.96
N ALA A 223 3.84 -39.06 3.48
CA ALA A 223 3.13 -40.17 4.10
C ALA A 223 2.46 -39.76 5.40
N ALA A 224 1.24 -40.22 5.62
CA ALA A 224 0.53 -39.93 6.87
C ALA A 224 1.33 -40.34 8.11
N GLU A 225 2.04 -41.46 8.02
CA GLU A 225 2.78 -42.00 9.16
C GLU A 225 4.18 -41.40 9.35
N SER A 226 4.63 -40.59 8.38
CA SER A 226 5.90 -39.88 8.48
CA SER A 226 5.90 -39.88 8.48
C SER A 226 5.86 -38.73 7.49
N PRO A 227 5.09 -37.68 7.82
CA PRO A 227 4.84 -36.60 6.86
C PRO A 227 6.04 -35.72 6.60
N THR A 228 6.10 -35.17 5.38
CA THR A 228 7.08 -34.16 5.01
C THR A 228 6.63 -32.75 5.49
N SER A 229 5.35 -32.60 5.79
CA SER A 229 4.85 -31.36 6.39
C SER A 229 3.44 -31.53 6.94
N VAL A 230 3.06 -30.63 7.85
CA VAL A 230 1.72 -30.60 8.43
CA VAL A 230 1.69 -30.62 8.34
C VAL A 230 1.10 -29.23 8.20
N LEU A 231 -0.15 -29.19 7.76
CA LEU A 231 -0.82 -27.93 7.46
C LEU A 231 -1.92 -27.66 8.47
N LEU A 232 -1.87 -26.49 9.08
CA LEU A 232 -2.84 -26.08 10.07
C LEU A 232 -3.54 -24.81 9.57
N ILE A 233 -4.68 -24.46 10.15
CA ILE A 233 -5.37 -23.22 9.81
C ILE A 233 -5.89 -22.54 11.07
N ASN A 234 -5.75 -21.22 11.14
CA ASN A 234 -6.22 -20.49 12.30
C ASN A 234 -6.67 -19.13 11.84
N HIS A 235 -7.87 -18.71 12.27
CA HIS A 235 -8.44 -17.45 11.81
C HIS A 235 -8.36 -17.34 10.29
N GLY A 236 -8.60 -18.46 9.62
CA GLY A 236 -8.64 -18.53 8.17
C GLY A 236 -7.29 -18.45 7.47
N LEU A 237 -6.21 -18.40 8.24
CA LEU A 237 -4.87 -18.29 7.66
C LEU A 237 -4.10 -19.59 7.88
N HIS A 238 -3.39 -20.05 6.84
CA HIS A 238 -2.66 -21.31 6.93
C HIS A 238 -1.27 -21.21 7.54
N ILE A 239 -0.86 -22.30 8.19
CA ILE A 239 0.47 -22.41 8.80
C ILE A 239 1.01 -23.76 8.40
N GLU A 240 2.21 -23.82 7.84
CA GLU A 240 2.73 -25.12 7.46
C GLU A 240 4.02 -25.43 8.19
N ILE A 241 4.03 -26.56 8.89
CA ILE A 241 5.23 -27.02 9.57
C ILE A 241 5.98 -27.95 8.64
N LEU A 242 7.18 -27.54 8.23
CA LEU A 242 7.99 -28.37 7.33
C LEU A 242 8.83 -29.32 8.17
N ILE A 243 8.77 -30.61 7.84
CA ILE A 243 9.47 -31.63 8.60
C ILE A 243 10.60 -32.25 7.77
N ASP A 244 11.84 -32.04 8.21
CA ASP A 244 12.98 -32.67 7.55
C ASP A 244 14.19 -32.73 8.46
N PRO A 245 14.36 -33.87 9.14
CA PRO A 245 15.45 -34.11 10.10
C PRO A 245 16.81 -34.06 9.44
N GLU A 246 16.85 -34.18 8.12
CA GLU A 246 18.09 -34.19 7.36
C GLU A 246 18.50 -32.81 6.84
N SER A 247 17.82 -31.77 7.31
CA SER A 247 18.14 -30.41 6.90
C SER A 247 19.05 -29.70 7.90
N GLN A 248 19.68 -28.61 7.49
CA GLN A 248 20.57 -27.85 8.36
C GLN A 248 19.91 -27.52 9.70
N VAL A 249 18.69 -27.01 9.64
CA VAL A 249 17.97 -26.63 10.86
C VAL A 249 17.29 -27.84 11.47
N GLY A 250 16.68 -28.66 10.62
CA GLY A 250 15.99 -29.87 11.06
C GLY A 250 16.79 -30.78 11.95
N THR A 251 18.07 -30.97 11.61
CA THR A 251 18.93 -31.86 12.39
CA THR A 251 18.95 -31.84 12.39
C THR A 251 19.14 -31.35 13.81
N THR A 252 18.89 -30.07 14.04
CA THR A 252 19.05 -29.52 15.39
C THR A 252 17.73 -29.54 16.15
N ASP A 253 16.65 -29.90 15.47
CA ASP A 253 15.32 -29.79 16.06
C ASP A 253 14.83 -31.10 16.67
N ARG A 254 14.19 -30.99 17.84
CA ARG A 254 13.72 -32.19 18.55
CA ARG A 254 13.70 -32.17 18.56
C ARG A 254 12.70 -33.02 17.77
N ALA A 255 12.00 -32.39 16.83
CA ALA A 255 11.03 -33.11 16.01
C ALA A 255 11.41 -33.07 14.54
N GLY A 256 12.64 -32.61 14.27
CA GLY A 256 13.13 -32.55 12.91
C GLY A 256 12.46 -31.46 12.09
N VAL A 257 11.84 -30.50 12.76
CA VAL A 257 11.18 -29.38 12.07
C VAL A 257 12.21 -28.51 11.36
N LYS A 258 12.00 -28.30 10.05
CA LYS A 258 12.89 -27.51 9.21
C LYS A 258 12.54 -26.02 9.23
N ASP A 259 11.25 -25.72 9.21
CA ASP A 259 10.78 -24.32 9.09
C ASP A 259 9.29 -24.29 9.40
N VAL A 260 8.76 -23.09 9.61
CA VAL A 260 7.32 -22.89 9.69
C VAL A 260 6.98 -21.84 8.63
N ILE A 261 6.10 -22.21 7.72
CA ILE A 261 5.75 -21.33 6.61
C ILE A 261 4.40 -20.68 6.90
N LEU A 262 4.34 -19.37 6.79
CA LEU A 262 3.09 -18.67 7.04
C LEU A 262 2.49 -18.18 5.74
N GLU A 263 1.19 -18.36 5.58
CA GLU A 263 0.49 -17.66 4.54
C GLU A 263 0.57 -16.19 4.94
N SER A 264 1.07 -15.34 4.04
CA SER A 264 1.54 -14.02 4.44
C SER A 264 0.84 -12.88 3.71
N ALA A 265 1.34 -12.55 2.52
CA ALA A 265 0.72 -11.49 1.74
C ALA A 265 -0.48 -12.07 1.01
N ILE A 266 -1.63 -11.96 1.66
CA ILE A 266 -2.87 -12.51 1.12
C ILE A 266 -3.22 -11.79 -0.18
N THR A 267 -3.08 -10.48 -0.17
CA THR A 267 -3.23 -9.69 -1.39
C THR A 267 -2.03 -8.77 -1.58
N THR A 268 -1.83 -8.31 -2.80
CA THR A 268 -0.71 -7.42 -3.13
C THR A 268 -1.20 -6.34 -4.06
N ILE A 269 -0.80 -5.10 -3.78
CA ILE A 269 -1.18 -3.99 -4.64
C ILE A 269 0.01 -3.65 -5.53
N MET A 270 -0.17 -3.89 -6.82
CA MET A 270 0.83 -3.50 -7.80
C MET A 270 0.66 -2.03 -8.13
N ASP A 271 1.65 -1.23 -7.80
CA ASP A 271 1.44 0.23 -7.70
C ASP A 271 1.91 1.00 -8.94
N PHE A 272 0.99 1.74 -9.56
CA PHE A 272 1.35 2.68 -10.63
C PHE A 272 1.41 4.10 -10.08
N GLU A 273 1.09 4.27 -8.80
CA GLU A 273 0.97 5.60 -8.22
C GLU A 273 2.18 6.00 -7.39
N ASP A 274 2.02 6.16 -6.07
CA ASP A 274 3.07 6.87 -5.29
C ASP A 274 4.46 6.22 -5.16
N SER A 275 4.58 4.92 -5.38
CA SER A 275 5.88 4.26 -5.28
C SER A 275 6.61 4.09 -6.62
N VAL A 276 6.06 4.64 -7.71
CA VAL A 276 6.78 4.62 -8.98
C VAL A 276 6.97 6.01 -9.61
N ALA A 277 8.01 6.15 -10.43
CA ALA A 277 8.22 7.36 -11.19
C ALA A 277 8.01 7.09 -12.68
N ALA A 278 6.95 7.69 -13.24
CA ALA A 278 6.61 7.41 -14.64
C ALA A 278 6.00 8.67 -15.27
N VAL A 279 6.77 9.34 -16.12
CA VAL A 279 6.46 10.71 -16.52
C VAL A 279 6.19 10.86 -18.01
N ASP A 280 6.23 9.74 -18.72
CA ASP A 280 6.04 9.73 -20.16
C ASP A 280 5.62 8.34 -20.63
N ALA A 281 5.41 8.17 -21.93
CA ALA A 281 4.94 6.91 -22.46
C ALA A 281 5.92 5.75 -22.20
N ALA A 282 7.21 6.04 -22.28
CA ALA A 282 8.22 5.00 -22.10
C ALA A 282 8.12 4.39 -20.70
N ASP A 283 8.00 5.24 -19.69
CA ASP A 283 7.87 4.77 -18.31
C ASP A 283 6.56 4.03 -18.11
N LYS A 284 5.47 4.56 -18.66
CA LYS A 284 4.16 3.95 -18.47
C LYS A 284 4.15 2.55 -19.09
N VAL A 285 4.76 2.43 -20.26
CA VAL A 285 4.86 1.14 -20.94
C VAL A 285 5.67 0.12 -20.15
N LEU A 286 6.79 0.53 -19.56
CA LEU A 286 7.55 -0.39 -18.70
C LEU A 286 6.62 -0.94 -17.63
N GLY A 287 5.87 -0.04 -17.00
CA GLY A 287 4.92 -0.43 -15.97
C GLY A 287 3.78 -1.31 -16.48
N TYR A 288 3.13 -0.87 -17.56
CA TYR A 288 2.05 -1.64 -18.16
C TYR A 288 2.54 -3.02 -18.56
N ARG A 289 3.77 -3.11 -19.07
CA ARG A 289 4.34 -4.40 -19.51
C ARG A 289 4.48 -5.37 -18.33
N ASN A 290 4.93 -4.85 -17.19
CA ASN A 290 5.06 -5.66 -16.00
C ASN A 290 3.71 -6.14 -15.47
N TRP A 291 2.75 -5.23 -15.46
CA TRP A 291 1.38 -5.56 -15.05
C TRP A 291 0.84 -6.63 -16.00
N LEU A 292 1.19 -6.53 -17.29
CA LEU A 292 0.75 -7.53 -18.26
C LEU A 292 1.37 -8.89 -17.97
N GLY A 293 2.69 -8.91 -17.77
CA GLY A 293 3.40 -10.14 -17.45
C GLY A 293 2.88 -10.82 -16.21
N LEU A 294 2.52 -10.04 -15.19
CA LEU A 294 1.91 -10.60 -13.98
C LEU A 294 0.58 -11.27 -14.26
N ASN A 295 -0.29 -10.60 -15.03
CA ASN A 295 -1.61 -11.13 -15.33
C ASN A 295 -1.59 -12.31 -16.31
N LYS A 296 -0.64 -12.30 -17.24
CA LYS A 296 -0.48 -13.45 -18.13
C LYS A 296 0.32 -14.57 -17.49
N GLY A 297 0.97 -14.30 -16.37
CA GLY A 297 1.69 -15.32 -15.62
C GLY A 297 3.10 -15.57 -16.12
N ASP A 298 3.54 -14.78 -17.10
CA ASP A 298 4.82 -15.02 -17.74
C ASP A 298 5.88 -13.95 -17.48
N LEU A 299 5.63 -13.06 -16.52
CA LEU A 299 6.67 -12.13 -16.15
C LEU A 299 7.88 -12.94 -15.67
N ALA A 300 9.03 -12.62 -16.23
CA ALA A 300 10.28 -13.23 -15.77
C ALA A 300 11.38 -12.17 -15.66
N ALA A 301 11.98 -12.05 -14.49
CA ALA A 301 13.03 -11.07 -14.27
C ALA A 301 14.39 -11.72 -14.04
N LEU A 311 16.79 -15.55 -13.97
CA LEU A 311 15.37 -15.42 -14.32
C LEU A 311 14.44 -16.04 -13.28
N ARG A 312 13.84 -15.20 -12.45
CA ARG A 312 12.84 -15.68 -11.49
C ARG A 312 11.43 -15.49 -12.05
N VAL A 313 10.53 -16.40 -11.65
CA VAL A 313 9.18 -16.45 -12.18
C VAL A 313 8.11 -16.60 -11.10
N LEU A 314 6.86 -16.54 -11.51
CA LEU A 314 5.72 -16.72 -10.62
C LEU A 314 5.56 -18.16 -10.15
N ASN A 315 5.12 -18.33 -8.91
CA ASN A 315 4.97 -19.65 -8.33
C ASN A 315 3.67 -20.35 -8.75
N ARG A 316 3.70 -21.68 -8.74
CA ARG A 316 2.50 -22.49 -8.97
C ARG A 316 1.73 -22.67 -7.66
N ASP A 317 0.52 -23.21 -7.75
CA ASP A 317 -0.28 -23.47 -6.56
C ASP A 317 0.36 -24.58 -5.74
N ARG A 318 -0.03 -24.66 -4.47
CA ARG A 318 0.53 -25.61 -3.53
C ARG A 318 -0.39 -26.82 -3.35
N ASN A 319 0.18 -28.01 -3.51
CA ASN A 319 -0.56 -29.27 -3.39
C ASN A 319 -0.52 -29.86 -1.98
N TYR A 320 -1.68 -30.32 -1.51
CA TYR A 320 -1.80 -30.94 -0.19
C TYR A 320 -2.68 -32.19 -0.19
N THR A 321 -2.52 -32.97 0.87
CA THR A 321 -3.40 -34.08 1.14
C THR A 321 -4.34 -33.69 2.27
N ALA A 322 -5.64 -33.85 2.04
CA ALA A 322 -6.64 -33.55 3.07
C ALA A 322 -6.50 -34.52 4.24
N PRO A 323 -6.96 -34.09 5.43
CA PRO A 323 -6.95 -34.96 6.61
C PRO A 323 -7.49 -36.37 6.31
N GLY A 324 -8.57 -36.47 5.54
CA GLY A 324 -9.16 -37.76 5.20
C GLY A 324 -8.37 -38.60 4.20
N GLY A 325 -7.53 -37.95 3.40
CA GLY A 325 -6.70 -38.66 2.45
C GLY A 325 -6.82 -38.19 1.01
N GLY A 326 -7.85 -37.39 0.73
CA GLY A 326 -8.04 -36.82 -0.60
C GLY A 326 -7.04 -35.69 -0.91
N GLN A 327 -7.22 -35.04 -2.05
CA GLN A 327 -6.30 -34.01 -2.52
C GLN A 327 -6.96 -32.63 -2.64
N PHE A 328 -6.17 -31.59 -2.42
CA PHE A 328 -6.63 -30.22 -2.71
C PHE A 328 -5.44 -29.32 -2.98
N THR A 329 -5.72 -28.09 -3.38
CA THR A 329 -4.66 -27.14 -3.67
C THR A 329 -4.97 -25.84 -2.99
N LEU A 330 -3.93 -25.09 -2.64
CA LEU A 330 -4.08 -23.71 -2.17
C LEU A 330 -3.36 -22.80 -3.14
N PRO A 331 -3.84 -21.55 -3.29
CA PRO A 331 -3.16 -20.62 -4.20
C PRO A 331 -1.70 -20.35 -3.83
N GLY A 332 -0.83 -20.34 -4.83
CA GLY A 332 0.57 -20.05 -4.61
C GLY A 332 0.88 -18.57 -4.65
N ARG A 333 -0.08 -17.77 -5.12
CA ARG A 333 0.18 -16.35 -5.33
C ARG A 333 -0.76 -15.45 -4.54
N SER A 334 -0.26 -14.25 -4.26
CA SER A 334 -1.04 -13.18 -3.68
C SER A 334 -2.09 -12.74 -4.69
N LEU A 335 -3.33 -12.56 -4.24
CA LEU A 335 -4.35 -11.99 -5.11
C LEU A 335 -3.99 -10.52 -5.40
N MET A 336 -4.02 -10.14 -6.67
CA MET A 336 -3.45 -8.83 -7.08
C MET A 336 -4.48 -7.71 -7.27
N PHE A 337 -4.22 -6.56 -6.63
CA PHE A 337 -4.89 -5.31 -6.95
C PHE A 337 -3.92 -4.54 -7.84
N VAL A 338 -4.43 -3.51 -8.52
CA VAL A 338 -3.55 -2.55 -9.17
C VAL A 338 -3.94 -1.15 -8.66
N ARG A 339 -2.97 -0.37 -8.20
CA ARG A 339 -3.28 1.02 -7.85
C ARG A 339 -3.02 1.95 -9.02
N ASN A 340 -4.12 2.47 -9.57
CA ASN A 340 -4.08 3.46 -10.63
C ASN A 340 -3.68 4.82 -10.04
N VAL A 341 -3.27 5.77 -10.87
CA VAL A 341 -3.15 7.15 -10.37
C VAL A 341 -4.55 7.77 -10.17
N GLY A 342 -4.61 8.86 -9.40
CA GLY A 342 -5.86 9.55 -9.13
C GLY A 342 -6.21 10.56 -10.21
N HIS A 343 -7.09 11.50 -9.87
CA HIS A 343 -7.69 12.39 -10.85
C HIS A 343 -6.82 13.57 -11.27
N LEU A 344 -5.70 13.79 -10.59
CA LEU A 344 -4.96 15.05 -10.80
C LEU A 344 -4.18 15.17 -12.12
N MET A 345 -3.28 14.23 -12.35
CA MET A 345 -2.21 14.43 -13.32
C MET A 345 -2.63 14.13 -14.74
N THR A 346 -2.01 14.84 -15.67
CA THR A 346 -2.06 14.50 -17.09
C THR A 346 -0.71 13.92 -17.45
N ASN A 347 -0.63 13.29 -18.61
CA ASN A 347 0.61 12.69 -19.06
C ASN A 347 0.69 12.81 -20.58
N ASP A 348 1.86 13.13 -21.11
CA ASP A 348 1.94 13.41 -22.55
C ASP A 348 2.07 12.15 -23.39
N ALA A 349 1.93 10.99 -22.75
CA ALA A 349 1.83 9.73 -23.51
C ALA A 349 0.71 9.81 -24.52
N ILE A 350 -0.33 10.56 -24.20
CA ILE A 350 -1.33 10.92 -25.18
C ILE A 350 -1.61 12.41 -25.07
N VAL A 351 -1.61 13.10 -26.21
CA VAL A 351 -2.03 14.48 -26.26
C VAL A 351 -3.14 14.65 -27.29
N ASP A 352 -3.91 15.73 -27.21
CA ASP A 352 -4.94 15.93 -28.21
C ASP A 352 -4.45 16.86 -29.32
N THR A 353 -5.35 17.27 -30.19
CA THR A 353 -5.00 18.12 -31.33
CA THR A 353 -4.95 18.11 -31.33
C THR A 353 -4.43 19.49 -30.93
N ASP A 354 -4.70 19.91 -29.70
CA ASP A 354 -4.20 21.21 -29.22
C ASP A 354 -2.84 21.07 -28.56
N GLY A 355 -2.42 19.82 -28.34
CA GLY A 355 -1.17 19.55 -27.66
C GLY A 355 -1.39 19.36 -26.17
N SER A 356 -2.64 19.46 -25.74
CA SER A 356 -2.99 19.23 -24.33
C SER A 356 -2.82 17.78 -23.92
N GLU A 357 -2.24 17.55 -22.74
CA GLU A 357 -2.01 16.19 -22.26
C GLU A 357 -3.31 15.58 -21.76
N VAL A 358 -3.42 14.26 -21.85
CA VAL A 358 -4.64 13.57 -21.46
C VAL A 358 -4.55 13.18 -19.98
N PHE A 359 -5.67 13.15 -19.28
CA PHE A 359 -5.66 12.80 -17.87
C PHE A 359 -5.18 11.36 -17.68
N GLU A 360 -4.21 11.17 -16.80
CA GLU A 360 -3.54 9.88 -16.62
C GLU A 360 -4.45 8.85 -15.96
N GLY A 361 -5.25 9.30 -15.00
CA GLY A 361 -6.20 8.44 -14.33
C GLY A 361 -7.14 7.78 -15.32
N ILE A 362 -7.62 8.55 -16.28
CA ILE A 362 -8.47 8.01 -17.33
C ILE A 362 -7.70 6.96 -18.13
N MET A 363 -6.48 7.30 -18.54
CA MET A 363 -5.64 6.33 -19.25
C MET A 363 -5.39 5.05 -18.44
N ASP A 364 -5.04 5.18 -17.17
CA ASP A 364 -4.83 3.97 -16.36
C ASP A 364 -6.06 3.06 -16.30
N ALA A 365 -7.26 3.64 -16.19
CA ALA A 365 -8.46 2.79 -16.10
C ALA A 365 -8.58 1.94 -17.36
N LEU A 366 -8.42 2.57 -18.51
CA LEU A 366 -8.48 1.91 -19.80
C LEU A 366 -7.41 0.83 -19.95
N PHE A 367 -6.16 1.22 -19.75
CA PHE A 367 -5.04 0.33 -20.00
C PHE A 367 -4.86 -0.73 -18.92
N THR A 368 -4.91 -0.34 -17.64
CA THR A 368 -4.78 -1.38 -16.61
C THR A 368 -5.98 -2.31 -16.56
N GLY A 369 -7.16 -1.80 -16.92
CA GLY A 369 -8.35 -2.63 -17.03
C GLY A 369 -8.26 -3.61 -18.20
N LEU A 370 -7.85 -3.13 -19.37
CA LEU A 370 -7.64 -4.00 -20.52
C LEU A 370 -6.66 -5.14 -20.15
N ILE A 371 -5.52 -4.76 -19.60
CA ILE A 371 -4.47 -5.73 -19.27
C ILE A 371 -4.93 -6.74 -18.24
N ALA A 372 -5.78 -6.29 -17.30
CA ALA A 372 -6.25 -7.14 -16.22
C ALA A 372 -7.13 -8.28 -16.75
N ILE A 373 -7.67 -8.12 -17.95
CA ILE A 373 -8.48 -9.18 -18.55
C ILE A 373 -7.68 -10.48 -18.63
N HIS A 374 -6.37 -10.36 -18.87
CA HIS A 374 -5.52 -11.55 -18.98
C HIS A 374 -5.46 -12.33 -17.68
N GLY A 375 -5.61 -11.63 -16.57
CA GLY A 375 -5.58 -12.25 -15.26
C GLY A 375 -6.89 -12.96 -14.94
N LEU A 376 -7.90 -12.75 -15.78
CA LEU A 376 -9.18 -13.44 -15.65
C LEU A 376 -9.24 -14.69 -16.49
N LYS A 377 -8.15 -15.00 -17.18
CA LYS A 377 -8.12 -16.20 -18.03
C LYS A 377 -6.83 -17.00 -17.90
N ALA A 378 -6.84 -18.20 -18.48
CA ALA A 378 -5.75 -19.16 -18.34
C ALA A 378 -4.41 -18.60 -18.77
N SER A 379 -3.44 -18.67 -17.86
CA SER A 379 -2.07 -18.30 -18.19
C SER A 379 -1.35 -19.47 -18.83
N ASP A 380 -0.82 -19.25 -20.03
CA ASP A 380 0.04 -20.23 -20.67
C ASP A 380 1.20 -20.58 -19.74
N VAL A 381 1.42 -19.73 -18.74
CA VAL A 381 2.53 -19.83 -17.79
C VAL A 381 3.86 -20.04 -18.50
N LEU A 385 -2.09 -19.05 -12.80
CA LEU A 385 -3.35 -19.32 -13.48
C LEU A 385 -4.28 -18.10 -13.41
N ILE A 386 -5.20 -18.09 -12.45
CA ILE A 386 -6.25 -17.05 -12.48
C ILE A 386 -6.22 -16.08 -11.31
N ASN A 387 -5.85 -14.83 -11.57
CA ASN A 387 -5.92 -13.82 -10.51
C ASN A 387 -7.27 -13.90 -9.80
N SER A 388 -8.30 -13.31 -10.38
CA SER A 388 -9.62 -13.39 -9.78
C SER A 388 -10.48 -14.47 -10.42
N ARG A 389 -10.77 -15.51 -9.65
CA ARG A 389 -11.62 -16.59 -10.15
CA ARG A 389 -11.61 -16.58 -10.15
C ARG A 389 -13.08 -16.15 -10.21
N THR A 390 -13.45 -15.18 -9.35
CA THR A 390 -14.82 -14.69 -9.28
C THR A 390 -15.16 -13.66 -10.36
N GLY A 391 -14.16 -13.28 -11.14
CA GLY A 391 -14.40 -12.46 -12.32
C GLY A 391 -14.30 -10.96 -12.09
N SER A 392 -13.55 -10.54 -11.07
CA SER A 392 -13.40 -9.12 -10.78
C SER A 392 -12.01 -8.59 -11.12
N ILE A 393 -11.95 -7.29 -11.41
CA ILE A 393 -10.70 -6.55 -11.60
C ILE A 393 -10.60 -5.53 -10.47
N TYR A 394 -9.53 -5.61 -9.69
CA TYR A 394 -9.46 -4.83 -8.45
C TYR A 394 -8.55 -3.61 -8.59
N ILE A 395 -9.15 -2.43 -8.65
CA ILE A 395 -8.40 -1.19 -8.85
C ILE A 395 -8.47 -0.33 -7.60
N VAL A 396 -7.30 -0.03 -7.05
CA VAL A 396 -7.24 0.90 -5.94
C VAL A 396 -7.22 2.29 -6.58
N LYS A 397 -8.15 3.15 -6.15
CA LYS A 397 -8.21 4.53 -6.64
C LYS A 397 -7.84 5.49 -5.53
N PRO A 398 -6.67 6.14 -5.64
CA PRO A 398 -6.13 6.99 -4.58
C PRO A 398 -6.55 8.46 -4.74
N LYS A 399 -6.39 9.22 -3.67
CA LYS A 399 -6.44 10.69 -3.66
C LYS A 399 -7.73 11.31 -4.15
N MET A 400 -8.85 10.62 -3.90
CA MET A 400 -10.14 11.21 -4.19
C MET A 400 -10.58 12.14 -3.06
N HIS A 401 -11.23 13.24 -3.43
CA HIS A 401 -11.79 14.23 -2.50
C HIS A 401 -13.31 14.29 -2.60
N GLY A 402 -14.00 13.54 -1.74
CA GLY A 402 -15.44 13.63 -1.66
C GLY A 402 -16.23 12.72 -2.59
N PRO A 403 -17.53 12.62 -2.34
CA PRO A 403 -18.39 11.64 -3.01
C PRO A 403 -18.55 11.86 -4.50
N ALA A 404 -18.53 13.12 -4.94
CA ALA A 404 -18.64 13.35 -6.38
C ALA A 404 -17.46 12.75 -7.12
N GLU A 405 -16.27 12.88 -6.53
CA GLU A 405 -15.08 12.30 -7.15
C GLU A 405 -15.13 10.78 -7.17
N VAL A 406 -15.77 10.17 -6.17
CA VAL A 406 -15.96 8.72 -6.17
C VAL A 406 -16.97 8.31 -7.26
N ALA A 407 -18.09 9.03 -7.34
CA ALA A 407 -19.07 8.78 -8.40
C ALA A 407 -18.44 8.89 -9.78
N PHE A 408 -17.54 9.85 -9.94
CA PHE A 408 -16.86 10.02 -11.22
C PHE A 408 -16.00 8.80 -11.53
N THR A 409 -15.29 8.27 -10.54
CA THR A 409 -14.50 7.05 -10.76
C THR A 409 -15.40 5.89 -11.17
N CYS A 410 -16.56 5.79 -10.53
CA CYS A 410 -17.51 4.74 -10.87
C CYS A 410 -18.01 4.89 -12.30
N GLU A 411 -18.31 6.13 -12.72
CA GLU A 411 -18.74 6.33 -14.11
C GLU A 411 -17.61 6.04 -15.10
N LEU A 412 -16.38 6.42 -14.74
CA LEU A 412 -15.22 6.11 -15.58
C LEU A 412 -15.11 4.60 -15.77
N PHE A 413 -15.23 3.86 -14.67
CA PHE A 413 -15.11 2.41 -14.75
C PHE A 413 -16.25 1.83 -15.57
N SER A 414 -17.44 2.41 -15.42
CA SER A 414 -18.60 1.92 -16.16
C SER A 414 -18.34 2.04 -17.67
N ARG A 415 -17.79 3.18 -18.07
CA ARG A 415 -17.54 3.44 -19.49
C ARG A 415 -16.44 2.54 -20.05
N VAL A 416 -15.41 2.32 -19.25
CA VAL A 416 -14.31 1.44 -19.63
C VAL A 416 -14.80 0.01 -19.79
N GLU A 417 -15.62 -0.45 -18.84
CA GLU A 417 -16.18 -1.80 -18.94
C GLU A 417 -16.91 -1.95 -20.28
N ASP A 418 -17.60 -0.90 -20.71
CA ASP A 418 -18.32 -0.93 -21.99
C ASP A 418 -17.33 -1.07 -23.13
N VAL A 419 -16.24 -0.33 -23.08
CA VAL A 419 -15.24 -0.42 -24.13
C VAL A 419 -14.65 -1.83 -24.18
N LEU A 420 -14.43 -2.42 -23.00
CA LEU A 420 -13.74 -3.71 -22.91
C LEU A 420 -14.68 -4.92 -23.00
N GLY A 421 -15.99 -4.66 -23.13
CA GLY A 421 -16.95 -5.74 -23.25
C GLY A 421 -17.05 -6.56 -21.98
N LEU A 422 -16.77 -5.93 -20.85
CA LEU A 422 -16.90 -6.57 -19.55
C LEU A 422 -18.27 -6.29 -18.97
N PRO A 423 -18.79 -7.23 -18.18
CA PRO A 423 -20.04 -6.94 -17.49
C PRO A 423 -19.88 -5.71 -16.60
N GLN A 424 -20.96 -4.96 -16.43
CA GLN A 424 -20.94 -3.84 -15.50
C GLN A 424 -20.52 -4.32 -14.09
N ASN A 425 -19.74 -3.47 -13.43
CA ASN A 425 -19.25 -3.69 -12.08
C ASN A 425 -18.08 -4.68 -11.96
N THR A 426 -17.55 -5.13 -13.09
CA THR A 426 -16.38 -6.00 -13.09
C THR A 426 -15.20 -5.29 -12.42
N MET A 427 -15.02 -4.02 -12.75
CA MET A 427 -13.93 -3.24 -12.19
C MET A 427 -14.33 -2.70 -10.82
N LYS A 428 -13.73 -3.31 -9.79
CA LYS A 428 -13.99 -2.96 -8.40
C LYS A 428 -13.06 -1.84 -7.94
N ILE A 429 -13.43 -1.16 -6.87
CA ILE A 429 -12.66 -0.02 -6.41
CA ILE A 429 -12.69 0.01 -6.40
C ILE A 429 -12.22 -0.16 -4.96
N GLY A 430 -10.92 -0.08 -4.75
CA GLY A 430 -10.38 0.00 -3.41
C GLY A 430 -10.27 1.48 -3.13
N ILE A 431 -11.10 1.98 -2.22
CA ILE A 431 -11.15 3.39 -1.92
C ILE A 431 -10.11 3.75 -0.87
N MET A 432 -9.13 4.56 -1.25
CA MET A 432 -8.27 5.16 -0.27
C MET A 432 -9.04 6.29 0.44
N ASP A 433 -9.08 6.23 1.77
CA ASP A 433 -9.55 7.37 2.56
C ASP A 433 -8.25 8.07 2.98
N GLU A 434 -7.84 9.08 2.22
CA GLU A 434 -6.53 9.69 2.42
C GLU A 434 -6.57 11.17 2.07
N GLU A 435 -7.78 11.72 2.01
CA GLU A 435 -7.98 13.16 1.82
C GLU A 435 -9.09 13.59 2.74
N ARG A 436 -8.98 14.79 3.30
CA ARG A 436 -9.87 15.23 4.37
C ARG A 436 -11.32 15.33 3.91
N ARG A 437 -11.53 15.75 2.66
CA ARG A 437 -12.89 15.87 2.17
C ARG A 437 -13.55 14.49 1.93
N THR A 438 -12.74 13.44 1.84
CA THR A 438 -13.31 12.09 1.79
C THR A 438 -13.58 11.61 3.21
N THR A 439 -12.61 11.81 4.09
CA THR A 439 -12.78 11.45 5.50
C THR A 439 -14.10 11.97 6.06
N VAL A 440 -14.33 13.27 5.95
CA VAL A 440 -15.51 13.87 6.56
C VAL A 440 -16.82 13.59 5.78
N ASN A 441 -16.70 12.96 4.63
CA ASN A 441 -17.88 12.52 3.87
C ASN A 441 -17.84 11.03 3.52
N LEU A 442 -17.25 10.23 4.40
CA LEU A 442 -16.90 8.85 4.05
C LEU A 442 -18.12 7.97 3.74
N LYS A 443 -19.17 8.11 4.52
CA LYS A 443 -20.38 7.30 4.30
C LYS A 443 -20.91 7.55 2.88
N ALA A 444 -21.05 8.83 2.52
CA ALA A 444 -21.50 9.22 1.19
C ALA A 444 -20.57 8.72 0.10
N CYS A 445 -19.26 8.77 0.36
CA CYS A 445 -18.28 8.25 -0.59
C CYS A 445 -18.47 6.76 -0.80
N ILE A 446 -18.63 6.02 0.30
CA ILE A 446 -18.90 4.59 0.19
C ILE A 446 -20.20 4.34 -0.57
N LYS A 447 -21.23 5.12 -0.27
CA LYS A 447 -22.52 4.93 -0.93
CA LYS A 447 -22.52 4.94 -0.93
C LYS A 447 -22.39 5.15 -2.43
N ALA A 448 -21.60 6.15 -2.82
CA ALA A 448 -21.40 6.42 -4.25
C ALA A 448 -20.80 5.23 -4.98
N ALA A 449 -20.03 4.41 -4.27
CA ALA A 449 -19.44 3.20 -4.85
C ALA A 449 -20.05 1.91 -4.27
N ALA A 450 -21.32 1.95 -3.86
CA ALA A 450 -21.89 0.85 -3.08
C ALA A 450 -21.89 -0.51 -3.81
N ASP A 451 -21.86 -0.49 -5.14
CA ASP A 451 -21.85 -1.74 -5.90
C ASP A 451 -20.46 -2.13 -6.44
N ARG A 452 -19.45 -1.34 -6.11
CA ARG A 452 -18.11 -1.57 -6.65
C ARG A 452 -17.04 -1.68 -5.57
N VAL A 453 -17.34 -1.24 -4.35
CA VAL A 453 -16.27 -1.11 -3.35
C VAL A 453 -15.80 -2.45 -2.77
N VAL A 454 -14.49 -2.66 -2.76
CA VAL A 454 -13.89 -3.87 -2.21
C VAL A 454 -13.02 -3.57 -0.99
N PHE A 455 -12.69 -2.29 -0.80
CA PHE A 455 -12.11 -1.86 0.47
C PHE A 455 -12.21 -0.37 0.70
N ILE A 456 -12.11 0.01 1.96
CA ILE A 456 -11.70 1.37 2.28
C ILE A 456 -10.38 1.20 3.05
N ASN A 457 -9.45 2.11 2.83
CA ASN A 457 -8.18 2.06 3.55
C ASN A 457 -7.72 3.44 4.01
N THR A 458 -7.27 3.52 5.26
CA THR A 458 -6.75 4.79 5.77
C THR A 458 -5.30 5.04 5.29
N GLY A 459 -5.17 5.76 4.18
CA GLY A 459 -3.84 6.12 3.69
C GLY A 459 -3.38 7.31 4.50
N PHE A 460 -2.82 7.03 5.68
CA PHE A 460 -2.65 8.06 6.69
C PHE A 460 -1.55 9.07 6.35
N LEU A 461 -0.61 8.68 5.49
CA LEU A 461 0.47 9.59 5.11
C LEU A 461 -0.06 10.69 4.17
N ASP A 462 -0.72 10.28 3.09
CA ASP A 462 -1.37 11.27 2.23
C ASP A 462 -2.36 12.10 3.06
N ARG A 463 -3.07 11.45 3.97
CA ARG A 463 -4.10 12.14 4.74
C ARG A 463 -3.48 13.25 5.58
N THR A 464 -2.26 12.99 6.07
CA THR A 464 -1.52 13.95 6.87
C THR A 464 -1.06 15.12 5.99
N GLY A 465 -0.64 14.78 4.77
CA GLY A 465 -0.27 15.82 3.82
C GLY A 465 -1.47 16.72 3.55
N ASP A 466 -2.63 16.12 3.37
CA ASP A 466 -3.82 16.90 3.08
C ASP A 466 -4.22 17.72 4.28
N GLU A 467 -4.01 17.17 5.47
CA GLU A 467 -4.37 17.88 6.69
C GLU A 467 -3.60 19.19 6.78
N ILE A 468 -2.30 19.12 6.52
CA ILE A 468 -1.43 20.30 6.58
C ILE A 468 -1.82 21.33 5.52
N HIS A 469 -2.02 20.89 4.29
CA HIS A 469 -2.31 21.85 3.22
C HIS A 469 -3.68 22.52 3.40
N THR A 470 -4.67 21.73 3.80
CA THR A 470 -6.01 22.28 3.97
C THR A 470 -6.04 23.45 4.96
N SER A 471 -5.32 23.30 6.07
CA SER A 471 -5.34 24.35 7.08
C SER A 471 -4.03 25.12 7.08
N MET A 472 -3.39 25.18 5.91
CA MET A 472 -2.10 25.85 5.77
C MET A 472 -2.07 27.26 6.35
N GLU A 473 -3.15 28.00 6.10
CA GLU A 473 -3.28 29.39 6.52
C GLU A 473 -3.63 29.55 8.00
N ALA A 474 -3.98 28.46 8.68
CA ALA A 474 -4.49 28.55 10.05
C ALA A 474 -3.41 28.95 11.06
N GLY A 475 -2.20 28.44 10.87
CA GLY A 475 -1.11 28.66 11.80
C GLY A 475 -0.08 27.56 11.67
N PRO A 476 0.98 27.61 12.48
CA PRO A 476 2.00 26.57 12.39
C PRO A 476 1.53 25.24 12.96
N MET A 477 1.86 24.17 12.24
CA MET A 477 1.51 22.80 12.61
C MET A 477 2.53 22.17 13.55
N VAL A 478 2.10 21.15 14.28
CA VAL A 478 2.97 20.35 15.12
C VAL A 478 3.99 19.64 14.24
N ARG A 479 5.08 19.20 14.86
CA ARG A 479 6.12 18.46 14.16
CA ARG A 479 6.12 18.46 14.16
C ARG A 479 5.59 17.18 13.50
N LYS A 480 6.27 16.74 12.44
CA LYS A 480 5.89 15.57 11.67
C LYS A 480 5.61 14.33 12.52
N GLY A 481 6.54 13.99 13.41
CA GLY A 481 6.39 12.84 14.26
C GLY A 481 5.16 12.94 15.13
N THR A 482 4.92 14.14 15.64
CA THR A 482 3.78 14.44 16.49
C THR A 482 2.46 14.20 15.76
N MET A 483 2.42 14.53 14.47
CA MET A 483 1.24 14.33 13.63
C MET A 483 0.68 12.94 13.74
N LYS A 484 1.59 11.98 13.85
CA LYS A 484 1.23 10.57 13.83
C LYS A 484 0.24 10.21 14.93
N SER A 485 0.13 11.04 15.97
CA SER A 485 -0.69 10.70 17.13
C SER A 485 -1.63 11.84 17.56
N GLN A 486 -1.94 12.76 16.66
CA GLN A 486 -2.82 13.87 16.94
C GLN A 486 -4.27 13.40 17.01
N PRO A 487 -5.11 14.09 17.80
CA PRO A 487 -6.52 13.74 17.87
C PRO A 487 -7.19 13.53 16.51
N TRP A 488 -6.94 14.42 15.55
CA TRP A 488 -7.60 14.30 14.26
C TRP A 488 -7.35 12.95 13.60
N ILE A 489 -6.14 12.41 13.75
CA ILE A 489 -5.76 11.18 13.03
C ILE A 489 -6.30 9.91 13.70
N LEU A 490 -6.27 9.90 15.03
CA LEU A 490 -6.88 8.80 15.76
C LEU A 490 -8.40 8.75 15.52
N ALA A 491 -9.04 9.91 15.43
CA ALA A 491 -10.48 9.97 15.12
C ALA A 491 -10.73 9.48 13.69
N TYR A 492 -9.88 9.92 12.78
CA TYR A 492 -9.93 9.48 11.39
C TYR A 492 -9.83 7.96 11.27
N GLU A 493 -8.93 7.36 12.03
CA GLU A 493 -8.80 5.89 11.99
C GLU A 493 -10.06 5.17 12.48
N ASP A 494 -10.61 5.59 13.62
CA ASP A 494 -11.83 4.97 14.16
C ASP A 494 -13.04 5.24 13.27
N HIS A 495 -13.11 6.44 12.73
CA HIS A 495 -14.23 6.83 11.88
C HIS A 495 -14.31 5.94 10.65
N ASN A 496 -13.15 5.63 10.09
CA ASN A 496 -13.09 4.79 8.91
C ASN A 496 -13.62 3.39 9.21
N VAL A 497 -13.15 2.79 10.30
CA VAL A 497 -13.67 1.50 10.74
C VAL A 497 -15.17 1.56 10.97
N ASP A 498 -15.64 2.57 11.70
CA ASP A 498 -17.07 2.73 11.97
C ASP A 498 -17.88 2.76 10.68
N ALA A 499 -17.45 3.54 9.71
CA ALA A 499 -18.20 3.70 8.46
C ALA A 499 -18.29 2.41 7.68
N GLY A 500 -17.16 1.71 7.60
CA GLY A 500 -17.10 0.48 6.84
C GLY A 500 -17.98 -0.58 7.47
N LEU A 501 -17.87 -0.72 8.78
CA LEU A 501 -18.67 -1.74 9.46
C LEU A 501 -20.17 -1.45 9.34
N ALA A 502 -20.54 -0.18 9.43
CA ALA A 502 -21.95 0.23 9.32
C ALA A 502 -22.51 0.02 7.90
N ALA A 503 -21.62 0.08 6.91
CA ALA A 503 -21.98 -0.17 5.51
C ALA A 503 -21.99 -1.67 5.20
N GLY A 504 -21.76 -2.50 6.22
CA GLY A 504 -21.81 -3.95 6.06
C GLY A 504 -20.56 -4.58 5.46
N PHE A 505 -19.40 -3.99 5.72
CA PHE A 505 -18.15 -4.50 5.16
C PHE A 505 -17.76 -5.89 5.71
N SER A 506 -18.10 -6.18 6.97
CA SER A 506 -17.75 -7.46 7.55
CA SER A 506 -17.78 -7.48 7.57
C SER A 506 -18.30 -8.60 6.68
N GLY A 507 -17.39 -9.43 6.15
CA GLY A 507 -17.77 -10.51 5.27
C GLY A 507 -18.01 -10.09 3.82
N ARG A 508 -17.81 -8.82 3.50
CA ARG A 508 -18.09 -8.35 2.14
C ARG A 508 -16.92 -7.59 1.52
N ALA A 509 -16.17 -6.86 2.34
CA ALA A 509 -15.11 -5.99 1.83
C ALA A 509 -14.08 -5.74 2.92
N GLN A 510 -12.87 -5.36 2.52
CA GLN A 510 -11.78 -5.15 3.46
C GLN A 510 -11.90 -3.82 4.17
N VAL A 511 -11.59 -3.80 5.47
CA VAL A 511 -11.36 -2.55 6.19
C VAL A 511 -9.86 -2.49 6.45
N GLY A 512 -9.19 -1.54 5.81
CA GLY A 512 -7.75 -1.55 5.80
C GLY A 512 -7.10 -0.36 6.48
N LYS A 513 -5.91 -0.59 7.03
CA LYS A 513 -5.08 0.50 7.59
C LYS A 513 -3.70 0.57 6.94
N GLY A 514 -2.91 1.56 7.36
CA GLY A 514 -1.73 1.96 6.62
C GLY A 514 -0.38 1.27 6.75
N MET A 515 0.59 1.86 6.07
CA MET A 515 1.91 1.30 5.86
C MET A 515 2.83 1.43 7.06
N TRP A 516 3.60 0.38 7.33
CA TRP A 516 4.71 0.46 8.27
C TRP A 516 5.95 0.83 7.47
N THR A 517 6.51 1.99 7.75
CA THR A 517 7.57 2.54 6.89
C THR A 517 8.98 2.19 7.35
N MET A 518 9.12 1.72 8.59
CA MET A 518 10.45 1.45 9.14
C MET A 518 10.90 0.03 8.82
N THR A 519 11.53 -0.12 7.66
CA THR A 519 11.68 -1.42 7.03
C THR A 519 12.58 -2.37 7.81
N GLU A 520 13.47 -1.82 8.65
CA GLU A 520 14.40 -2.64 9.41
C GLU A 520 13.98 -2.81 10.89
N LEU A 521 12.94 -2.10 11.30
CA LEU A 521 12.52 -2.18 12.71
C LEU A 521 11.37 -3.16 12.87
N MET A 522 11.68 -4.45 12.68
CA MET A 522 10.68 -5.49 12.66
C MET A 522 10.22 -5.88 14.07
N ALA A 523 11.13 -5.84 15.03
CA ALA A 523 10.75 -6.06 16.42
C ALA A 523 9.70 -5.03 16.82
N ASP A 524 9.95 -3.77 16.48
CA ASP A 524 8.96 -2.72 16.72
C ASP A 524 7.66 -2.95 16.00
N MET A 525 7.71 -3.35 14.73
CA MET A 525 6.49 -3.65 14.00
C MET A 525 5.68 -4.75 14.66
N VAL A 526 6.35 -5.83 15.06
CA VAL A 526 5.64 -6.94 15.68
C VAL A 526 5.04 -6.52 17.01
N GLU A 527 5.73 -5.63 17.72
CA GLU A 527 5.22 -5.13 18.98
C GLU A 527 4.01 -4.19 18.80
N THR A 528 4.02 -3.37 17.77
CA THR A 528 3.10 -2.24 17.72
C THR A 528 1.97 -2.35 16.68
N LYS A 529 2.27 -2.95 15.53
CA LYS A 529 1.32 -2.95 14.41
C LYS A 529 0.10 -3.84 14.69
N ILE A 530 0.20 -4.64 15.76
CA ILE A 530 -0.93 -5.43 16.23
C ILE A 530 -2.14 -4.56 16.57
N ALA A 531 -1.91 -3.27 16.84
CA ALA A 531 -3.03 -2.35 17.09
C ALA A 531 -4.01 -2.30 15.93
N GLN A 532 -3.52 -2.50 14.71
CA GLN A 532 -4.39 -2.39 13.53
C GLN A 532 -5.50 -3.45 13.47
N PRO A 533 -5.15 -4.74 13.52
CA PRO A 533 -6.27 -5.68 13.60
C PRO A 533 -7.05 -5.57 14.91
N ARG A 534 -6.41 -5.18 16.02
CA ARG A 534 -7.16 -4.96 17.25
C ARG A 534 -8.22 -3.86 17.09
N ALA A 535 -8.01 -2.98 16.12
CA ALA A 535 -8.95 -1.91 15.85
C ALA A 535 -10.05 -2.35 14.88
N GLY A 536 -9.99 -3.60 14.46
CA GLY A 536 -11.01 -4.15 13.58
C GLY A 536 -10.66 -4.01 12.11
N ALA A 537 -9.40 -3.71 11.80
CA ALA A 537 -8.97 -3.69 10.39
C ALA A 537 -8.70 -5.12 9.90
N SER A 538 -9.30 -5.50 8.78
CA SER A 538 -9.12 -6.86 8.26
C SER A 538 -7.88 -6.97 7.38
N THR A 539 -7.21 -5.86 7.13
CA THR A 539 -5.91 -5.86 6.46
C THR A 539 -5.17 -4.57 6.78
N ALA A 540 -3.85 -4.60 6.64
CA ALA A 540 -3.07 -3.38 6.70
C ALA A 540 -1.82 -3.54 5.84
N TRP A 541 -1.16 -2.43 5.55
CA TRP A 541 -0.08 -2.42 4.58
C TRP A 541 1.30 -2.73 5.14
N VAL A 542 2.05 -3.53 4.40
CA VAL A 542 3.44 -3.84 4.74
C VAL A 542 4.35 -3.55 3.55
N PRO A 543 5.64 -3.28 3.83
CA PRO A 543 6.55 -2.83 2.77
C PRO A 543 7.30 -3.94 2.04
N SER A 544 7.25 -5.17 2.54
CA SER A 544 8.08 -6.23 1.98
C SER A 544 7.50 -7.58 2.30
N PRO A 545 7.88 -8.62 1.52
CA PRO A 545 7.46 -9.99 1.83
C PRO A 545 7.82 -10.36 3.27
N THR A 546 9.01 -10.01 3.72
CA THR A 546 9.40 -10.30 5.09
C THR A 546 8.44 -9.69 6.12
N ALA A 547 8.07 -8.43 5.91
CA ALA A 547 7.18 -7.77 6.84
C ALA A 547 5.77 -8.37 6.76
N ALA A 548 5.38 -8.84 5.58
CA ALA A 548 4.10 -9.54 5.42
C ALA A 548 4.03 -10.78 6.32
N THR A 549 5.11 -11.55 6.33
CA THR A 549 5.18 -12.78 7.13
C THR A 549 5.07 -12.44 8.62
N LEU A 550 5.79 -11.41 9.05
CA LEU A 550 5.78 -11.00 10.45
C LEU A 550 4.43 -10.37 10.87
N HIS A 551 3.84 -9.58 9.97
CA HIS A 551 2.52 -8.99 10.27
C HIS A 551 1.44 -10.07 10.34
N ALA A 552 1.64 -11.18 9.63
CA ALA A 552 0.68 -12.29 9.66
C ALA A 552 0.51 -12.79 11.09
N LEU A 553 1.60 -12.80 11.86
CA LEU A 553 1.51 -13.20 13.27
C LEU A 553 0.37 -12.52 14.00
N HIS A 554 0.14 -11.25 13.68
CA HIS A 554 -0.87 -10.47 14.39
C HIS A 554 -2.27 -11.02 14.16
N TYR A 555 -2.53 -11.49 12.95
CA TYR A 555 -3.85 -12.03 12.60
C TYR A 555 -4.11 -13.39 13.26
N HIS A 556 -3.04 -14.06 13.67
CA HIS A 556 -3.20 -15.27 14.45
C HIS A 556 -3.49 -14.96 15.91
N GLN A 557 -2.98 -13.82 16.38
CA GLN A 557 -3.21 -13.43 17.77
CA GLN A 557 -3.18 -13.36 17.76
C GLN A 557 -4.54 -12.71 17.97
N VAL A 558 -4.99 -11.97 16.96
CA VAL A 558 -6.24 -11.24 17.06
C VAL A 558 -7.27 -11.83 16.11
N ASP A 559 -8.47 -12.11 16.63
CA ASP A 559 -9.57 -12.60 15.81
C ASP A 559 -10.34 -11.39 15.26
N VAL A 560 -9.92 -10.90 14.08
CA VAL A 560 -10.49 -9.66 13.52
C VAL A 560 -11.98 -9.76 13.28
N ALA A 561 -12.45 -10.91 12.82
CA ALA A 561 -13.87 -11.11 12.59
C ALA A 561 -14.66 -10.83 13.87
N ALA A 562 -14.17 -11.36 15.00
CA ALA A 562 -14.82 -11.17 16.29
C ALA A 562 -14.75 -9.72 16.73
N VAL A 563 -13.58 -9.10 16.56
CA VAL A 563 -13.41 -7.68 16.86
C VAL A 563 -14.43 -6.82 16.10
N GLN A 564 -14.55 -7.05 14.78
CA GLN A 564 -15.54 -6.31 13.99
C GLN A 564 -16.96 -6.52 14.48
N GLN A 565 -17.29 -7.75 14.88
CA GLN A 565 -18.62 -8.01 15.42
C GLN A 565 -18.87 -7.15 16.65
N GLY A 566 -17.88 -7.12 17.54
CA GLY A 566 -17.97 -6.34 18.77
C GLY A 566 -18.09 -4.83 18.57
N LEU A 567 -17.58 -4.31 17.45
CA LEU A 567 -17.63 -2.87 17.21
C LEU A 567 -18.93 -2.44 16.53
N ALA A 568 -19.73 -3.41 16.09
CA ALA A 568 -20.97 -3.11 15.38
C ALA A 568 -21.84 -2.10 16.12
N GLY A 569 -22.34 -1.11 15.39
CA GLY A 569 -23.25 -0.13 15.96
C GLY A 569 -22.57 0.97 16.74
N LYS A 570 -21.30 0.79 17.06
CA LYS A 570 -20.55 1.81 17.82
C LYS A 570 -20.14 2.99 16.95
N ARG A 571 -20.24 4.19 17.51
CA ARG A 571 -19.77 5.40 16.84
C ARG A 571 -18.77 6.06 17.77
N ARG A 572 -17.50 6.04 17.38
CA ARG A 572 -16.45 6.44 18.31
C ARG A 572 -15.65 7.66 17.88
N ALA A 573 -16.14 8.35 16.84
CA ALA A 573 -15.53 9.58 16.37
C ALA A 573 -16.62 10.58 16.01
N THR A 574 -16.45 11.82 16.45
CA THR A 574 -17.42 12.85 16.08
C THR A 574 -16.84 13.71 14.98
N ILE A 575 -17.70 14.43 14.27
CA ILE A 575 -17.25 15.37 13.26
C ILE A 575 -16.27 16.41 13.84
N GLU A 576 -16.58 16.93 15.03
CA GLU A 576 -15.69 17.89 15.69
C GLU A 576 -14.29 17.34 15.87
N GLN A 577 -14.19 16.06 16.25
CA GLN A 577 -12.88 15.44 16.42
C GLN A 577 -12.16 15.34 15.08
N LEU A 578 -12.87 14.92 14.05
CA LEU A 578 -12.24 14.80 12.73
C LEU A 578 -11.71 16.15 12.26
N LEU A 579 -12.36 17.22 12.70
CA LEU A 579 -12.04 18.56 12.19
C LEU A 579 -11.07 19.32 13.09
N THR A 580 -10.50 18.63 14.08
CA THR A 580 -9.54 19.24 14.99
C THR A 580 -8.19 19.44 14.33
N ILE A 581 -7.91 20.69 13.95
CA ILE A 581 -6.69 21.04 13.23
C ILE A 581 -5.45 20.90 14.12
N PRO A 582 -4.41 20.21 13.62
CA PRO A 582 -3.21 19.97 14.45
C PRO A 582 -2.27 21.19 14.56
N LEU A 583 -2.80 22.33 14.99
CA LEU A 583 -1.99 23.52 15.24
C LEU A 583 -1.09 23.34 16.46
N ALA A 584 0.10 23.92 16.40
CA ALA A 584 1.04 23.83 17.50
C ALA A 584 0.72 24.89 18.56
N LYS A 585 1.02 24.58 19.82
CA LYS A 585 0.80 25.52 20.92
C LYS A 585 1.88 26.61 20.93
N GLU A 586 1.65 27.65 21.73
CA GLU A 586 2.59 28.76 21.82
C GLU A 586 3.90 28.28 22.42
N LEU A 587 5.01 28.77 21.87
CA LEU A 587 6.34 28.44 22.42
C LEU A 587 6.56 26.93 22.53
N ALA A 588 6.09 26.18 21.54
CA ALA A 588 6.15 24.73 21.58
C ALA A 588 7.59 24.18 21.50
N TRP A 589 8.48 24.90 20.83
CA TRP A 589 9.81 24.35 20.53
C TRP A 589 10.99 25.22 20.93
N ALA A 590 12.05 24.56 21.36
CA ALA A 590 13.34 25.19 21.54
C ALA A 590 14.07 25.14 20.20
N PRO A 591 15.09 26.01 20.02
CA PRO A 591 15.78 26.12 18.74
C PRO A 591 16.34 24.80 18.21
N ASP A 592 16.88 23.96 19.09
CA ASP A 592 17.47 22.69 18.67
C ASP A 592 16.42 21.70 18.16
N GLU A 593 15.23 21.77 18.75
CA GLU A 593 14.11 20.94 18.31
C GLU A 593 13.67 21.36 16.91
N ILE A 594 13.62 22.66 16.69
CA ILE A 594 13.28 23.19 15.37
C ILE A 594 14.34 22.76 14.35
N ARG A 595 15.61 22.92 14.71
CA ARG A 595 16.67 22.52 13.81
C ARG A 595 16.59 21.02 13.48
N GLU A 596 16.27 20.21 14.49
CA GLU A 596 16.14 18.77 14.26
C GLU A 596 15.03 18.50 13.24
N GLU A 597 13.90 19.19 13.40
CA GLU A 597 12.77 18.96 12.51
C GLU A 597 13.15 19.34 11.08
N VAL A 598 13.86 20.45 10.94
CA VAL A 598 14.24 20.92 9.62
C VAL A 598 15.20 19.93 8.96
N ASP A 599 16.26 19.58 9.67
CA ASP A 599 17.25 18.62 9.15
C ASP A 599 16.59 17.28 8.81
N ASN A 600 15.72 16.81 9.69
CA ASN A 600 15.07 15.53 9.46
C ASN A 600 14.27 15.53 8.16
N ASN A 601 13.45 16.55 7.99
CA ASN A 601 12.69 16.67 6.76
C ASN A 601 13.56 16.89 5.53
N CYS A 602 14.59 17.71 5.64
CA CYS A 602 15.44 17.95 4.49
C CYS A 602 16.20 16.69 4.06
N GLN A 603 16.70 15.93 5.02
CA GLN A 603 17.36 14.66 4.73
CA GLN A 603 17.36 14.65 4.74
C GLN A 603 16.45 13.70 3.96
N SER A 604 15.26 13.46 4.50
CA SER A 604 14.29 12.54 3.89
C SER A 604 13.85 13.01 2.51
N ILE A 605 13.56 14.31 2.37
CA ILE A 605 13.23 14.91 1.09
C ILE A 605 14.34 14.70 0.05
N LEU A 606 15.55 15.12 0.40
CA LEU A 606 16.66 15.03 -0.53
C LEU A 606 16.94 13.58 -0.90
N GLY A 607 16.93 12.70 0.10
CA GLY A 607 17.27 11.30 -0.15
C GLY A 607 16.32 10.63 -1.13
N TYR A 608 15.03 10.95 -1.00
CA TYR A 608 14.00 10.41 -1.87
C TYR A 608 14.05 11.03 -3.27
N VAL A 609 14.05 12.36 -3.33
CA VAL A 609 13.96 13.10 -4.58
C VAL A 609 15.13 12.87 -5.55
N VAL A 610 16.34 12.73 -5.01
CA VAL A 610 17.51 12.59 -5.89
C VAL A 610 17.39 11.30 -6.71
N ARG A 611 16.91 10.23 -6.08
CA ARG A 611 16.72 8.97 -6.79
C ARG A 611 15.50 9.04 -7.73
N TRP A 612 14.51 9.86 -7.35
CA TRP A 612 13.34 10.05 -8.21
C TRP A 612 13.74 10.77 -9.49
N VAL A 613 14.36 11.93 -9.33
CA VAL A 613 14.69 12.78 -10.46
C VAL A 613 15.81 12.24 -11.35
N ASP A 614 16.87 11.72 -10.74
CA ASP A 614 18.04 11.31 -11.50
C ASP A 614 17.98 9.86 -11.98
N GLN A 615 17.20 9.04 -11.29
CA GLN A 615 17.19 7.62 -11.64
C GLN A 615 15.82 7.05 -11.94
N GLY A 616 14.77 7.84 -11.72
CA GLY A 616 13.41 7.37 -11.97
C GLY A 616 12.97 6.30 -11.00
N VAL A 617 13.44 6.40 -9.75
CA VAL A 617 13.06 5.44 -8.70
C VAL A 617 12.03 6.07 -7.77
N GLY A 618 10.82 5.51 -7.75
CA GLY A 618 9.67 6.10 -7.07
C GLY A 618 9.51 5.71 -5.61
N ALA A 619 10.37 4.80 -5.15
CA ALA A 619 10.35 4.42 -3.73
C ALA A 619 11.75 4.03 -3.32
N SER A 620 12.21 4.59 -2.19
CA SER A 620 13.58 4.35 -1.73
C SER A 620 13.63 4.27 -0.20
N LYS A 621 14.53 3.45 0.31
CA LYS A 621 14.81 3.44 1.74
C LYS A 621 15.79 4.59 2.03
N VAL A 622 15.37 5.51 2.89
CA VAL A 622 16.17 6.68 3.23
C VAL A 622 16.28 6.83 4.74
N PRO A 623 17.51 6.78 5.27
CA PRO A 623 17.71 6.92 6.71
C PRO A 623 17.27 8.29 7.21
N ASP A 624 16.50 8.35 8.29
CA ASP A 624 16.13 9.65 8.84
C ASP A 624 17.28 10.21 9.68
N ILE A 625 17.00 11.26 10.44
CA ILE A 625 18.01 11.98 11.21
C ILE A 625 18.51 11.13 12.38
N HIS A 626 17.82 10.01 12.61
CA HIS A 626 18.18 9.10 13.68
C HIS A 626 18.72 7.80 13.10
N ASP A 627 19.07 7.85 11.82
CA ASP A 627 19.60 6.71 11.08
CA ASP A 627 19.61 6.71 11.10
C ASP A 627 18.60 5.57 10.96
N VAL A 628 17.33 5.85 11.20
CA VAL A 628 16.29 4.82 11.01
C VAL A 628 15.95 4.73 9.54
N ALA A 629 16.04 3.53 8.98
CA ALA A 629 15.73 3.34 7.56
C ALA A 629 14.22 3.46 7.31
N LEU A 630 13.80 4.46 6.52
CA LEU A 630 12.39 4.63 6.19
C LEU A 630 12.10 4.41 4.71
N MET A 631 11.06 3.65 4.40
CA MET A 631 10.61 3.55 3.02
CA MET A 631 10.60 3.55 3.02
C MET A 631 9.84 4.81 2.64
N GLU A 632 10.42 5.60 1.73
CA GLU A 632 9.86 6.86 1.28
C GLU A 632 9.13 6.68 -0.04
N ASP A 633 8.00 7.34 -0.18
CA ASP A 633 7.34 7.50 -1.47
C ASP A 633 6.64 8.88 -1.52
N ARG A 634 5.90 9.18 -2.57
CA ARG A 634 5.37 10.55 -2.68
C ARG A 634 4.53 11.02 -1.48
N ALA A 635 3.83 10.10 -0.82
CA ALA A 635 3.04 10.46 0.35
C ALA A 635 3.90 11.01 1.50
N THR A 636 5.02 10.36 1.79
CA THR A 636 5.88 10.82 2.87
C THR A 636 6.58 12.12 2.47
N LEU A 637 6.89 12.23 1.18
CA LEU A 637 7.42 13.47 0.63
C LEU A 637 6.39 14.58 0.77
N ARG A 638 5.11 14.23 0.58
CA ARG A 638 4.06 15.22 0.67
CA ARG A 638 4.05 15.22 0.67
C ARG A 638 4.00 15.80 2.08
N ILE A 639 4.15 14.94 3.08
CA ILE A 639 4.17 15.41 4.46
C ILE A 639 5.37 16.32 4.74
N SER A 640 6.58 15.85 4.41
CA SER A 640 7.79 16.60 4.72
CA SER A 640 7.79 16.61 4.73
C SER A 640 7.80 17.99 4.07
N SER A 641 7.55 18.02 2.77
CA SER A 641 7.51 19.28 2.02
C SER A 641 6.43 20.22 2.52
N GLN A 642 5.23 19.69 2.80
CA GLN A 642 4.12 20.51 3.28
C GLN A 642 4.37 21.04 4.69
N LEU A 643 4.96 20.21 5.55
CA LEU A 643 5.33 20.65 6.89
C LEU A 643 6.33 21.81 6.83
N LEU A 644 7.40 21.66 6.05
CA LEU A 644 8.38 22.76 5.93
C LEU A 644 7.74 24.00 5.29
N ALA A 645 6.87 23.79 4.30
CA ALA A 645 6.15 24.90 3.70
C ALA A 645 5.35 25.64 4.77
N ASN A 646 4.67 24.88 5.61
CA ASN A 646 3.85 25.45 6.67
C ASN A 646 4.67 26.26 7.68
N TRP A 647 5.81 25.70 8.09
CA TRP A 647 6.71 26.39 9.00
C TRP A 647 7.31 27.66 8.41
N LEU A 648 7.61 27.63 7.11
CA LEU A 648 8.07 28.81 6.39
C LEU A 648 6.97 29.86 6.29
N ARG A 649 5.73 29.41 6.06
CA ARG A 649 4.60 30.30 5.87
C ARG A 649 4.30 31.06 7.16
N HIS A 650 4.58 30.41 8.29
CA HIS A 650 4.27 30.99 9.57
C HIS A 650 5.47 31.46 10.39
N GLY A 651 6.64 31.51 9.77
CA GLY A 651 7.78 32.18 10.37
C GLY A 651 8.48 31.41 11.46
N VAL A 652 8.25 30.10 11.50
CA VAL A 652 8.94 29.24 12.44
C VAL A 652 10.42 29.15 12.05
N ILE A 653 10.64 29.19 10.74
CA ILE A 653 11.99 29.04 10.18
C ILE A 653 12.12 30.04 9.04
N THR A 654 13.35 30.25 8.59
CA THR A 654 13.59 31.18 7.49
C THR A 654 14.04 30.44 6.25
N SER A 655 14.01 31.11 5.10
CA SER A 655 14.49 30.48 3.87
C SER A 655 15.97 30.15 3.97
N ALA A 656 16.70 30.85 4.84
CA ALA A 656 18.11 30.54 5.04
C ALA A 656 18.29 29.27 5.86
N ASP A 657 17.40 29.05 6.84
CA ASP A 657 17.40 27.78 7.59
C ASP A 657 17.21 26.62 6.61
N VAL A 658 16.19 26.74 5.76
CA VAL A 658 15.92 25.70 4.77
C VAL A 658 17.12 25.51 3.84
N ARG A 659 17.66 26.61 3.31
CA ARG A 659 18.82 26.51 2.45
C ARG A 659 19.95 25.77 3.17
N ALA A 660 20.24 26.18 4.40
CA ALA A 660 21.35 25.64 5.16
C ALA A 660 21.22 24.12 5.35
N SER A 661 20.01 23.69 5.73
CA SER A 661 19.75 22.28 5.99
C SER A 661 19.89 21.44 4.73
N LEU A 662 19.24 21.86 3.65
CA LEU A 662 19.37 21.17 2.37
C LEU A 662 20.85 21.02 1.96
N GLU A 663 21.62 22.09 2.13
CA GLU A 663 23.03 22.04 1.80
C GLU A 663 23.82 21.18 2.77
N ARG A 664 23.42 21.15 4.03
CA ARG A 664 24.03 20.28 5.03
C ARG A 664 23.78 18.79 4.73
N MET A 665 22.55 18.46 4.37
CA MET A 665 22.16 17.06 4.22
C MET A 665 22.55 16.50 2.86
N ALA A 666 22.77 17.37 1.89
CA ALA A 666 23.07 16.95 0.53
C ALA A 666 24.29 16.01 0.40
N PRO A 667 25.41 16.36 1.06
CA PRO A 667 26.60 15.51 0.96
C PRO A 667 26.42 14.15 1.64
N LEU A 668 25.62 14.11 2.71
CA LEU A 668 25.37 12.87 3.42
C LEU A 668 24.58 11.93 2.52
N VAL A 669 23.66 12.51 1.75
CA VAL A 669 22.90 11.74 0.76
C VAL A 669 23.79 11.29 -0.40
N ASP A 670 24.65 12.18 -0.89
CA ASP A 670 25.61 11.77 -1.92
C ASP A 670 26.40 10.56 -1.41
N ARG A 671 26.73 10.62 -0.12
CA ARG A 671 27.55 9.58 0.50
C ARG A 671 26.80 8.27 0.55
N GLN A 672 25.52 8.36 0.90
CA GLN A 672 24.65 7.20 1.02
C GLN A 672 24.47 6.49 -0.33
N ASN A 673 24.68 7.23 -1.41
CA ASN A 673 24.50 6.68 -2.76
CA ASN A 673 24.50 6.68 -2.76
C ASN A 673 25.83 6.41 -3.48
N ASP A 676 26.02 3.73 -5.88
CA ASP A 676 26.35 4.67 -6.94
C ASP A 676 26.13 4.03 -8.31
N VAL A 677 26.82 4.57 -9.31
CA VAL A 677 26.80 4.10 -10.70
C VAL A 677 26.06 5.06 -11.63
N ALA A 678 24.74 5.07 -11.53
CA ALA A 678 23.92 6.01 -12.28
C ALA A 678 23.74 7.28 -11.46
N TYR A 679 24.36 7.30 -10.28
CA TYR A 679 24.22 8.42 -9.37
C TYR A 679 25.12 9.60 -9.71
N ARG A 680 24.52 10.79 -9.72
CA ARG A 680 25.25 12.03 -9.93
C ARG A 680 25.15 12.85 -8.65
N PRO A 681 26.30 13.10 -7.99
CA PRO A 681 26.31 13.82 -6.71
C PRO A 681 25.70 15.21 -6.84
N MET A 682 25.06 15.68 -5.77
CA MET A 682 24.44 17.00 -5.73
C MET A 682 25.42 18.09 -5.31
N ALA A 683 26.20 17.81 -4.27
CA ALA A 683 27.19 18.75 -3.78
C ALA A 683 28.54 18.55 -4.49
N PRO A 684 29.34 19.62 -4.63
CA PRO A 684 29.09 20.95 -4.08
C PRO A 684 28.33 21.88 -5.04
N ASN A 685 28.17 21.48 -6.29
CA ASN A 685 27.51 22.32 -7.28
C ASN A 685 25.99 22.11 -7.26
N PHE A 686 25.37 22.48 -6.14
CA PHE A 686 23.96 22.22 -5.92
C PHE A 686 23.09 22.66 -7.09
N ASP A 687 23.37 23.84 -7.63
CA ASP A 687 22.52 24.40 -8.68
C ASP A 687 22.71 23.79 -10.05
N ASP A 688 23.69 22.91 -10.19
CA ASP A 688 23.82 22.16 -11.42
C ASP A 688 22.97 20.89 -11.34
N SER A 689 22.56 20.55 -10.12
CA SER A 689 21.75 19.36 -9.88
C SER A 689 20.24 19.66 -9.99
N ILE A 690 19.62 19.14 -11.03
CA ILE A 690 18.18 19.28 -11.20
C ILE A 690 17.45 18.66 -9.99
N ALA A 691 18.00 17.55 -9.50
CA ALA A 691 17.42 16.88 -8.33
C ALA A 691 17.42 17.77 -7.09
N PHE A 692 18.53 18.47 -6.86
CA PHE A 692 18.62 19.34 -5.69
C PHE A 692 17.64 20.50 -5.81
N LEU A 693 17.57 21.07 -7.01
CA LEU A 693 16.66 22.18 -7.28
C LEU A 693 15.23 21.71 -7.13
N ALA A 694 14.97 20.45 -7.49
CA ALA A 694 13.62 19.88 -7.34
C ALA A 694 13.23 19.85 -5.89
N ALA A 695 14.15 19.37 -5.05
CA ALA A 695 13.90 19.29 -3.63
C ALA A 695 13.60 20.68 -3.06
N GLN A 696 14.38 21.66 -3.50
CA GLN A 696 14.19 23.03 -3.05
C GLN A 696 12.82 23.54 -3.47
N GLU A 697 12.49 23.34 -4.75
CA GLU A 697 11.20 23.74 -5.29
C GLU A 697 10.04 23.15 -4.51
N LEU A 698 10.13 21.87 -4.19
CA LEU A 698 9.05 21.20 -3.48
C LEU A 698 8.71 21.88 -2.16
N ILE A 699 9.74 22.37 -1.47
CA ILE A 699 9.52 23.09 -0.23
C ILE A 699 9.03 24.53 -0.46
N LEU A 700 9.77 25.27 -1.28
CA LEU A 700 9.53 26.70 -1.50
C LEU A 700 8.24 27.01 -2.27
N SER A 701 7.80 26.07 -3.09
CA SER A 701 6.55 26.26 -3.83
C SER A 701 5.45 25.38 -3.28
N GLY A 702 5.72 24.74 -2.14
CA GLY A 702 4.80 23.77 -1.58
C GLY A 702 3.41 24.32 -1.30
N ALA A 703 3.35 25.53 -0.74
CA ALA A 703 2.07 26.11 -0.41
C ALA A 703 1.20 26.35 -1.65
N GLN A 704 1.85 26.46 -2.81
CA GLN A 704 1.14 26.78 -4.04
C GLN A 704 0.77 25.57 -4.89
N GLN A 705 1.20 24.39 -4.46
CA GLN A 705 0.85 23.15 -5.16
C GLN A 705 -0.59 22.79 -4.81
N PRO A 706 -1.36 22.34 -5.82
CA PRO A 706 -2.76 21.96 -5.54
C PRO A 706 -2.83 20.87 -4.50
N ASN A 707 -3.48 21.16 -3.38
CA ASN A 707 -3.60 20.25 -2.25
C ASN A 707 -2.27 19.70 -1.80
N GLY A 708 -1.19 20.45 -2.08
CA GLY A 708 0.15 20.05 -1.68
C GLY A 708 0.75 18.85 -2.40
N TYR A 709 0.20 18.52 -3.56
CA TYR A 709 0.64 17.33 -4.29
C TYR A 709 2.02 17.56 -4.86
N THR A 710 2.82 16.49 -4.92
CA THR A 710 4.22 16.60 -5.30
C THR A 710 4.44 16.27 -6.77
N GLU A 711 3.44 15.68 -7.42
CA GLU A 711 3.63 15.21 -8.80
C GLU A 711 3.98 16.30 -9.80
N PRO A 712 3.28 17.44 -9.75
CA PRO A 712 3.57 18.47 -10.76
C PRO A 712 5.05 18.82 -10.82
N ILE A 713 5.67 19.05 -9.67
CA ILE A 713 7.10 19.32 -9.62
C ILE A 713 7.98 18.13 -10.00
N LEU A 714 7.73 16.96 -9.40
CA LEU A 714 8.58 15.80 -9.69
C LEU A 714 8.54 15.47 -11.17
N HIS A 715 7.34 15.46 -11.76
CA HIS A 715 7.21 15.14 -13.18
C HIS A 715 7.91 16.14 -14.07
N ARG A 716 7.71 17.44 -13.83
CA ARG A 716 8.42 18.47 -14.59
C ARG A 716 9.96 18.31 -14.50
N ARG A 717 10.45 18.12 -13.29
CA ARG A 717 11.89 17.98 -13.05
C ARG A 717 12.52 16.70 -13.59
N ARG A 718 11.80 15.58 -13.48
CA ARG A 718 12.26 14.31 -14.04
C ARG A 718 12.36 14.42 -15.57
N ARG A 719 11.35 15.03 -16.18
CA ARG A 719 11.35 15.21 -17.63
CA ARG A 719 11.36 15.21 -17.63
C ARG A 719 12.49 16.15 -18.05
N GLU A 720 12.76 17.14 -17.21
CA GLU A 720 13.85 18.07 -17.49
C GLU A 720 15.17 17.32 -17.48
N PHE A 721 15.38 16.50 -16.45
CA PHE A 721 16.59 15.68 -16.35
C PHE A 721 16.78 14.73 -17.52
N LYS A 722 15.70 14.06 -17.92
CA LYS A 722 15.79 13.18 -19.09
C LYS A 722 16.22 13.98 -20.32
N ALA A 723 15.62 15.15 -20.51
CA ALA A 723 15.96 16.02 -21.64
C ALA A 723 17.46 16.33 -21.70
N ARG A 724 18.07 16.62 -20.55
CA ARG A 724 19.48 16.98 -20.53
C ARG A 724 20.37 15.75 -20.75
N ALA A 725 20.04 14.66 -20.08
CA ALA A 725 20.82 13.44 -20.19
C ALA A 725 20.79 12.90 -21.62
N ALA A 726 19.75 13.27 -22.36
CA ALA A 726 19.56 12.80 -23.73
C ALA A 726 20.43 13.57 -24.73
N GLU A 727 20.73 14.82 -24.40
CA GLU A 727 21.51 15.67 -25.29
C GLU A 727 22.93 15.90 -24.77
MG MG B . -1.51 7.57 -0.45
C01 040 C . 3.25 2.24 -0.64
C02 040 C . 3.92 3.12 0.35
C03 040 C . 3.30 4.27 0.90
C04 040 C . 1.94 4.71 0.54
O05 040 C . 1.63 4.83 -0.79
C06 040 C . 1.03 5.04 1.47
C07 040 C . -0.27 5.62 1.19
C08 040 C . -0.81 6.55 2.24
O09 040 C . -1.08 7.81 1.77
O10 040 C . -0.49 6.57 3.43
O11 040 C . -0.84 5.59 0.10
C12 040 C . 3.98 5.08 1.84
C13 040 C . 5.28 4.76 2.23
C14 040 C . 5.90 3.63 1.69
C15 040 C . 5.23 2.81 0.76
MG MG D . -9.15 -17.71 17.90
MG MG E . -3.53 31.78 -1.94
#